data_1Z3I
#
_entry.id   1Z3I
#
_cell.length_a   205.046
_cell.length_b   205.046
_cell.length_c   189.958
_cell.angle_alpha   90.00
_cell.angle_beta   90.00
_cell.angle_gamma   120.00
#
_symmetry.space_group_name_H-M   'H 3 2'
#
loop_
_entity.id
_entity.type
_entity.pdbx_description
1 polymer 'similar to RAD54-like'
2 non-polymer 'ZINC ION'
3 non-polymer 'SULFATE ION'
#
_entity_poly.entity_id   1
_entity_poly.type   'polypeptide(L)'
_entity_poly.pdbx_seq_one_letter_code
;LGLRRAGVRKALHDPFEDGALVLYEPPAISAHDLIKADKEKLPVHVVVDPVLSKVLRPHQREGVKFLWDCVTGRRIENSY
GCIMADEMGLGKTLQCITLIWTLLKQSPDCKPEIDKVIVVSPSSLVRNWYNEVGKWLGGRVQPVAIDGGSKDEIDSKLVN
FISQQGMRIPTPILIISYETFRLHAEVLHKGKVGLVICDEGHRLKNSDNQTYLALNSMNAQRRVLISGTPIQNDLLEYFS
LVHFVNSGILGTAQEFKKRFEIPILKGRDADASDKDRAAGEQKLQELISIVNRCLIRRTSDILSKYLPVKIEQVVCCNLT
PLQKELYKLFLKQAKPVESLQTGKISVSSLSSITSLKKLCNHPALIYEKCLTGEEGFDGALDLFPQNYSTKAVEPQLSGK
MLVLDYILAMTRTTTSDKVVLVSNYTQTLDLFEKLCRNRRYLYVRLDGTMSIKKRAKIVERFNNPSSPEFIFMLSSKAGG
CGLNLIGANRLVMFDPDWNPANDEQAMARVWRDGQKKTCYIYRLLSTGTIEEKILQRQAHKKALSSCVVDEEQDVERHFS
LGELRELFSLNEKTLSDTHDRFRCRRCVNGRQVRPPPDDSDCTCDLSNWHHCADKRGLRDPVLQASWDAAVSFVFHQRSH
EDQR
;
_entity_poly.pdbx_strand_id   X
#
loop_
_chem_comp.id
_chem_comp.type
_chem_comp.name
_chem_comp.formula
SO4 non-polymer 'SULFATE ION' 'O4 S -2'
ZN non-polymer 'ZINC ION' 'Zn 2'
#
# COMPACT_ATOMS: atom_id res chain seq x y z
N LEU A 1 -39.71 -9.97 -9.34
CA LEU A 1 -40.27 -9.64 -10.69
C LEU A 1 -40.57 -10.92 -11.48
N GLY A 2 -41.82 -11.04 -11.93
CA GLY A 2 -42.26 -12.16 -12.76
C GLY A 2 -42.12 -11.87 -14.25
N LEU A 3 -41.92 -10.59 -14.59
CA LEU A 3 -41.65 -10.17 -15.96
C LEU A 3 -40.15 -10.27 -16.19
N ARG A 4 -39.64 -11.47 -15.93
CA ARG A 4 -38.22 -11.75 -15.89
C ARG A 4 -37.98 -13.03 -16.70
N ARG A 5 -38.38 -14.16 -16.10
CA ARG A 5 -38.41 -15.49 -16.74
C ARG A 5 -37.05 -16.14 -17.03
N ALA A 6 -37.07 -17.46 -17.19
CA ALA A 6 -35.90 -18.21 -17.63
C ALA A 6 -36.05 -18.50 -19.13
N GLY A 7 -35.40 -17.69 -19.96
CA GLY A 7 -35.49 -17.81 -21.41
C GLY A 7 -35.99 -16.55 -22.09
N VAL A 8 -35.62 -15.40 -21.54
CA VAL A 8 -35.91 -14.09 -22.14
C VAL A 8 -34.63 -13.26 -22.07
N ARG A 9 -34.39 -12.44 -23.09
CA ARG A 9 -33.26 -11.52 -23.07
C ARG A 9 -33.55 -10.39 -22.09
N LYS A 10 -32.74 -10.33 -21.04
CA LYS A 10 -32.94 -9.39 -19.93
C LYS A 10 -31.61 -9.13 -19.25
N ALA A 11 -31.48 -8.00 -18.57
CA ALA A 11 -30.29 -7.70 -17.78
C ALA A 11 -30.15 -8.77 -16.71
N LEU A 12 -28.93 -9.20 -16.43
CA LEU A 12 -28.68 -10.31 -15.51
C LEU A 12 -29.28 -10.10 -14.09
N HIS A 13 -29.41 -8.84 -13.70
CA HIS A 13 -30.00 -8.46 -12.42
C HIS A 13 -30.91 -7.26 -12.65
N ASP A 14 -32.04 -7.22 -11.94
CA ASP A 14 -33.07 -6.19 -12.11
C ASP A 14 -32.47 -4.79 -11.98
N PRO A 15 -32.53 -3.99 -13.07
CA PRO A 15 -32.01 -2.62 -13.04
C PRO A 15 -32.92 -1.63 -12.32
N PHE A 16 -34.01 -2.10 -11.71
CA PHE A 16 -34.95 -1.21 -11.02
C PHE A 16 -35.18 -1.53 -9.54
N GLU A 17 -34.39 -2.46 -8.98
CA GLU A 17 -34.43 -2.72 -7.54
C GLU A 17 -33.84 -1.53 -6.80
N ASP A 18 -34.35 -1.26 -5.59
CA ASP A 18 -34.07 -0.03 -4.84
C ASP A 18 -32.68 0.59 -5.00
N GLY A 19 -31.64 -0.15 -4.60
CA GLY A 19 -30.30 0.41 -4.58
C GLY A 19 -29.41 -0.23 -5.61
N ALA A 20 -29.96 -0.43 -6.81
CA ALA A 20 -29.21 -1.08 -7.87
C ALA A 20 -28.10 -0.17 -8.33
N LEU A 21 -27.00 -0.77 -8.79
CA LEU A 21 -25.91 0.00 -9.36
C LEU A 21 -25.89 -0.31 -10.85
N VAL A 22 -26.42 0.63 -11.61
CA VAL A 22 -26.56 0.46 -13.05
C VAL A 22 -25.35 1.08 -13.77
N LEU A 23 -24.48 0.23 -14.29
CA LEU A 23 -23.28 0.67 -14.98
C LEU A 23 -23.55 1.03 -16.44
N TYR A 24 -24.64 0.51 -16.96
CA TYR A 24 -25.03 0.74 -18.35
C TYR A 24 -26.53 0.66 -18.51
N GLU A 25 -27.08 1.60 -19.25
CA GLU A 25 -28.43 1.43 -19.77
C GLU A 25 -28.45 1.55 -21.30
N PRO A 26 -29.32 0.76 -21.96
CA PRO A 26 -29.39 0.77 -23.41
C PRO A 26 -29.78 2.16 -23.91
N PRO A 27 -29.24 2.58 -25.06
CA PRO A 27 -29.58 3.88 -25.63
C PRO A 27 -31.07 3.94 -25.92
N ALA A 28 -31.63 5.15 -25.90
CA ALA A 28 -33.02 5.33 -26.27
C ALA A 28 -33.22 4.91 -27.70
N ILE A 29 -34.34 4.25 -27.96
CA ILE A 29 -34.70 3.86 -29.30
C ILE A 29 -36.10 4.46 -29.54
N SER A 30 -36.47 4.70 -30.78
CA SER A 30 -37.80 5.25 -31.04
C SER A 30 -38.80 4.12 -31.00
N ALA A 31 -40.03 4.42 -30.62
CA ALA A 31 -41.07 3.40 -30.56
C ALA A 31 -41.12 2.61 -31.86
N HIS A 32 -41.14 3.33 -32.98
CA HIS A 32 -41.20 2.74 -34.32
C HIS A 32 -40.09 1.72 -34.55
N ASP A 33 -38.84 2.12 -34.32
CA ASP A 33 -37.68 1.24 -34.51
C ASP A 33 -37.75 0.02 -33.60
N LEU A 34 -38.13 0.23 -32.35
CA LEU A 34 -38.22 -0.82 -31.35
C LEU A 34 -39.09 -1.98 -31.81
N ILE A 35 -40.26 -1.66 -32.37
CA ILE A 35 -41.19 -2.68 -32.80
C ILE A 35 -40.65 -3.51 -33.95
N LYS A 36 -40.01 -2.86 -34.94
CA LYS A 36 -39.41 -3.61 -36.06
C LYS A 36 -38.15 -4.37 -35.66
N ALA A 37 -37.34 -3.76 -34.80
CA ALA A 37 -36.08 -4.38 -34.37
C ALA A 37 -36.27 -5.78 -33.80
N ASP A 38 -35.31 -6.67 -34.07
CA ASP A 38 -35.32 -8.02 -33.50
C ASP A 38 -34.92 -7.98 -32.04
N LYS A 39 -35.80 -8.49 -31.19
CA LYS A 39 -35.67 -8.37 -29.74
C LYS A 39 -34.40 -9.03 -29.18
N GLU A 40 -33.82 -9.95 -29.94
CA GLU A 40 -32.61 -10.66 -29.52
C GLU A 40 -31.31 -9.93 -29.91
N LYS A 41 -31.43 -8.64 -30.24
CA LYS A 41 -30.29 -7.83 -30.66
C LYS A 41 -30.22 -6.53 -29.84
N LEU A 42 -31.24 -6.29 -29.03
CA LEU A 42 -31.35 -5.09 -28.22
C LEU A 42 -30.33 -5.12 -27.09
N PRO A 43 -29.64 -3.98 -26.87
CA PRO A 43 -28.74 -3.89 -25.72
C PRO A 43 -29.52 -4.07 -24.43
N VAL A 44 -28.82 -4.48 -23.39
CA VAL A 44 -29.43 -4.81 -22.13
C VAL A 44 -28.68 -4.05 -21.01
N HIS A 45 -29.36 -3.70 -19.92
CA HIS A 45 -28.71 -3.03 -18.78
C HIS A 45 -27.58 -3.91 -18.26
N VAL A 46 -26.53 -3.25 -17.77
CA VAL A 46 -25.47 -3.94 -17.04
C VAL A 46 -25.60 -3.47 -15.60
N VAL A 47 -25.73 -4.44 -14.69
CA VAL A 47 -26.16 -4.17 -13.33
C VAL A 47 -25.33 -5.01 -12.36
N VAL A 48 -24.68 -4.32 -11.43
CA VAL A 48 -23.78 -5.00 -10.51
C VAL A 48 -24.58 -5.99 -9.70
N ASP A 49 -24.11 -7.23 -9.66
CA ASP A 49 -24.68 -8.24 -8.77
C ASP A 49 -24.98 -7.67 -7.37
N PRO A 50 -26.23 -7.80 -6.90
CA PRO A 50 -26.63 -7.35 -5.57
C PRO A 50 -25.74 -7.88 -4.44
N VAL A 51 -25.17 -9.07 -4.59
CA VAL A 51 -24.27 -9.63 -3.57
C VAL A 51 -23.16 -8.65 -3.24
N LEU A 52 -22.69 -7.94 -4.27
CA LEU A 52 -21.61 -6.98 -4.13
C LEU A 52 -22.13 -5.57 -3.93
N SER A 53 -23.12 -5.16 -4.72
CA SER A 53 -23.57 -3.76 -4.62
C SER A 53 -24.16 -3.43 -3.25
N LYS A 54 -24.69 -4.43 -2.55
CA LYS A 54 -25.25 -4.23 -1.22
C LYS A 54 -24.17 -3.77 -0.25
N VAL A 55 -22.92 -3.97 -0.64
CA VAL A 55 -21.83 -3.93 0.31
C VAL A 55 -20.81 -2.84 -0.04
N LEU A 56 -21.07 -2.08 -1.10
CA LEU A 56 -20.15 -1.01 -1.56
C LEU A 56 -20.55 0.33 -1.00
N ARG A 57 -19.59 1.01 -0.38
CA ARG A 57 -19.80 2.39 0.04
C ARG A 57 -19.90 3.34 -1.15
N PRO A 58 -20.40 4.58 -0.94
CA PRO A 58 -20.52 5.54 -2.05
C PRO A 58 -19.26 5.64 -2.94
N HIS A 59 -18.10 5.90 -2.34
CA HIS A 59 -16.90 6.02 -3.15
C HIS A 59 -16.67 4.74 -3.94
N GLN A 60 -17.01 3.60 -3.36
CA GLN A 60 -16.84 2.32 -4.04
C GLN A 60 -17.79 2.15 -5.22
N ARG A 61 -18.98 2.72 -5.11
CA ARG A 61 -19.91 2.71 -6.23
C ARG A 61 -19.35 3.55 -7.36
N GLU A 62 -18.79 4.71 -7.00
CA GLU A 62 -18.18 5.58 -7.99
C GLU A 62 -16.98 4.95 -8.67
N GLY A 63 -16.18 4.21 -7.90
CA GLY A 63 -14.98 3.54 -8.41
C GLY A 63 -15.31 2.48 -9.45
N VAL A 64 -16.20 1.57 -9.10
CA VAL A 64 -16.61 0.55 -10.05
C VAL A 64 -17.19 1.18 -11.31
N LYS A 65 -17.89 2.30 -11.19
CA LYS A 65 -18.43 2.98 -12.36
C LYS A 65 -17.29 3.48 -13.20
N PHE A 66 -16.31 4.12 -12.55
CA PHE A 66 -15.14 4.63 -13.25
C PHE A 66 -14.36 3.53 -13.99
N LEU A 67 -14.06 2.44 -13.26
CA LEU A 67 -13.34 1.30 -13.81
C LEU A 67 -14.07 0.74 -15.00
N TRP A 68 -15.35 0.44 -14.83
CA TRP A 68 -16.14 -0.19 -15.88
C TRP A 68 -16.18 0.73 -17.08
N ASP A 69 -16.41 2.03 -16.84
CA ASP A 69 -16.37 3.00 -17.94
C ASP A 69 -15.06 2.99 -18.73
N CYS A 70 -13.94 2.93 -18.02
CA CYS A 70 -12.62 3.04 -18.62
C CYS A 70 -12.35 1.82 -19.44
N VAL A 71 -12.54 0.68 -18.79
CA VAL A 71 -12.13 -0.60 -19.30
C VAL A 71 -12.98 -1.09 -20.47
N THR A 72 -14.14 -0.47 -20.70
CA THR A 72 -14.98 -0.80 -21.86
C THR A 72 -14.99 0.32 -22.91
N GLY A 73 -14.05 1.24 -22.81
CA GLY A 73 -13.87 2.28 -23.82
C GLY A 73 -14.98 3.30 -23.91
N ARG A 74 -15.70 3.51 -22.81
CA ARG A 74 -16.73 4.54 -22.75
C ARG A 74 -16.22 5.86 -22.18
N ARG A 75 -15.12 5.83 -21.44
CA ARG A 75 -14.52 7.06 -20.93
C ARG A 75 -13.59 7.71 -21.93
N ILE A 76 -12.47 7.05 -22.24
CA ILE A 76 -11.65 7.41 -23.41
C ILE A 76 -12.00 6.40 -24.46
N GLU A 77 -12.69 6.85 -25.50
CA GLU A 77 -13.08 5.93 -26.55
C GLU A 77 -11.86 5.40 -27.28
N ASN A 78 -11.86 4.09 -27.51
CA ASN A 78 -10.79 3.37 -28.19
C ASN A 78 -9.63 3.00 -27.30
N SER A 79 -9.77 3.26 -26.00
CA SER A 79 -8.77 2.85 -25.03
C SER A 79 -9.49 2.12 -23.91
N TYR A 80 -8.83 1.13 -23.33
CA TYR A 80 -9.46 0.22 -22.40
C TYR A 80 -8.65 0.13 -21.13
N GLY A 81 -8.01 1.24 -20.79
CA GLY A 81 -7.10 1.28 -19.67
C GLY A 81 -7.53 2.22 -18.59
N CYS A 82 -7.11 1.91 -17.36
CA CYS A 82 -7.49 2.68 -16.20
C CYS A 82 -6.40 2.63 -15.13
N ILE A 83 -6.03 3.79 -14.61
CA ILE A 83 -5.15 3.85 -13.45
C ILE A 83 -5.98 4.13 -12.21
N MET A 84 -5.99 3.18 -11.29
CA MET A 84 -6.70 3.32 -10.04
C MET A 84 -5.72 3.79 -8.98
N ALA A 85 -5.78 5.08 -8.62
CA ALA A 85 -4.76 5.65 -7.76
C ALA A 85 -5.27 6.17 -6.41
N ASP A 86 -6.23 5.45 -5.83
CA ASP A 86 -6.73 5.76 -4.49
C ASP A 86 -5.67 5.59 -3.40
N GLU A 87 -5.79 6.40 -2.36
CA GLU A 87 -5.05 6.19 -1.14
C GLU A 87 -5.34 4.77 -0.63
N MET A 88 -4.47 4.25 0.22
CA MET A 88 -4.60 2.87 0.70
C MET A 88 -5.69 2.80 1.76
N GLY A 89 -6.53 1.78 1.69
CA GLY A 89 -7.60 1.61 2.67
C GLY A 89 -9.02 1.94 2.22
N LEU A 90 -9.20 2.26 0.94
CA LEU A 90 -10.54 2.52 0.44
C LEU A 90 -11.11 1.28 -0.25
N GLY A 91 -10.49 0.12 0.00
CA GLY A 91 -10.96 -1.16 -0.51
C GLY A 91 -10.79 -1.25 -2.00
N LYS A 92 -9.54 -1.39 -2.44
CA LYS A 92 -9.24 -1.53 -3.86
C LYS A 92 -9.64 -2.93 -4.35
N THR A 93 -9.46 -3.94 -3.52
CA THR A 93 -9.75 -5.30 -3.95
C THR A 93 -11.24 -5.49 -4.20
N LEU A 94 -12.06 -4.93 -3.32
CA LEU A 94 -13.49 -5.02 -3.49
C LEU A 94 -13.97 -4.35 -4.79
N GLN A 95 -13.48 -3.15 -5.06
CA GLN A 95 -13.87 -2.47 -6.29
C GLN A 95 -13.46 -3.28 -7.51
N CYS A 96 -12.27 -3.87 -7.46
CA CYS A 96 -11.71 -4.66 -8.57
C CYS A 96 -12.45 -5.96 -8.81
N ILE A 97 -12.75 -6.65 -7.72
CA ILE A 97 -13.46 -7.91 -7.78
C ILE A 97 -14.87 -7.67 -8.31
N THR A 98 -15.39 -6.47 -8.04
CA THR A 98 -16.70 -6.11 -8.54
C THR A 98 -16.61 -5.88 -10.04
N LEU A 99 -15.55 -5.20 -10.46
CA LEU A 99 -15.26 -5.03 -11.86
C LEU A 99 -15.19 -6.40 -12.54
N ILE A 100 -14.39 -7.29 -11.97
CA ILE A 100 -14.13 -8.60 -12.53
C ILE A 100 -15.45 -9.33 -12.69
N TRP A 101 -16.19 -9.41 -11.59
CA TRP A 101 -17.40 -10.19 -11.55
C TRP A 101 -18.42 -9.66 -12.55
N THR A 102 -18.45 -8.34 -12.74
CA THR A 102 -19.34 -7.75 -13.71
C THR A 102 -18.93 -8.16 -15.13
N LEU A 103 -17.64 -8.01 -15.44
CA LEU A 103 -17.12 -8.33 -16.77
C LEU A 103 -17.23 -9.82 -17.09
N LEU A 104 -17.02 -10.65 -16.08
CA LEU A 104 -17.09 -12.10 -16.23
C LEU A 104 -18.46 -12.63 -16.59
N LYS A 105 -19.51 -11.85 -16.33
CA LYS A 105 -20.85 -12.37 -16.43
C LYS A 105 -21.81 -11.51 -17.27
N GLN A 106 -21.41 -10.28 -17.55
CA GLN A 106 -22.31 -9.30 -18.17
C GLN A 106 -21.68 -8.44 -19.25
N SER A 107 -22.53 -7.95 -20.16
CA SER A 107 -22.18 -6.95 -21.16
C SER A 107 -23.48 -6.44 -21.77
N PRO A 108 -23.45 -5.25 -22.43
CA PRO A 108 -24.63 -4.75 -23.11
C PRO A 108 -25.27 -5.75 -24.05
N ASP A 109 -24.44 -6.60 -24.68
CA ASP A 109 -24.96 -7.59 -25.63
C ASP A 109 -25.42 -8.88 -24.94
N CYS A 110 -25.47 -8.85 -23.61
CA CYS A 110 -26.15 -9.90 -22.83
C CYS A 110 -25.41 -11.25 -22.81
N LYS A 111 -24.11 -11.16 -22.61
CA LYS A 111 -23.22 -12.31 -22.48
C LYS A 111 -21.98 -11.73 -21.80
N PRO A 112 -21.10 -12.58 -21.25
CA PRO A 112 -19.94 -12.01 -20.57
C PRO A 112 -19.08 -11.10 -21.47
N GLU A 113 -18.47 -10.05 -20.90
CA GLU A 113 -17.46 -9.28 -21.62
C GLU A 113 -16.23 -10.13 -21.84
N ILE A 114 -15.73 -10.70 -20.74
CA ILE A 114 -14.49 -11.47 -20.71
C ILE A 114 -14.75 -12.89 -20.19
N ASP A 115 -13.77 -13.77 -20.36
CA ASP A 115 -13.86 -15.16 -19.89
C ASP A 115 -12.89 -15.47 -18.78
N LYS A 116 -11.74 -14.79 -18.81
CA LYS A 116 -10.73 -14.92 -17.76
C LYS A 116 -10.04 -13.60 -17.43
N VAL A 117 -9.63 -13.48 -16.18
CA VAL A 117 -8.88 -12.33 -15.69
C VAL A 117 -7.58 -12.81 -15.08
N ILE A 118 -6.54 -12.00 -15.24
CA ILE A 118 -5.31 -12.21 -14.51
C ILE A 118 -5.05 -11.02 -13.63
N VAL A 119 -4.83 -11.29 -12.34
CA VAL A 119 -4.37 -10.29 -11.40
C VAL A 119 -2.89 -10.52 -11.12
N VAL A 120 -2.05 -9.56 -11.51
CA VAL A 120 -0.63 -9.64 -11.19
C VAL A 120 -0.39 -8.87 -9.89
N SER A 121 0.32 -9.51 -8.97
CA SER A 121 0.39 -9.03 -7.60
C SER A 121 1.76 -9.28 -6.96
N PRO A 122 2.17 -8.42 -6.02
CA PRO A 122 3.33 -8.80 -5.21
C PRO A 122 3.13 -10.19 -4.60
N SER A 123 4.22 -10.91 -4.42
CA SER A 123 4.15 -12.26 -3.93
C SER A 123 3.41 -12.30 -2.60
N SER A 124 3.81 -11.42 -1.68
CA SER A 124 3.24 -11.35 -0.34
C SER A 124 1.74 -11.15 -0.30
N LEU A 125 1.18 -10.62 -1.39
CA LEU A 125 -0.24 -10.27 -1.41
C LEU A 125 -1.10 -11.18 -2.28
N VAL A 126 -0.46 -12.14 -2.94
CA VAL A 126 -1.16 -13.09 -3.82
C VAL A 126 -2.27 -13.81 -3.06
N ARG A 127 -1.93 -14.37 -1.90
CA ARG A 127 -2.90 -15.09 -1.10
C ARG A 127 -4.02 -14.20 -0.55
N ASN A 128 -3.69 -12.95 -0.25
CA ASN A 128 -4.71 -11.98 0.16
C ASN A 128 -5.76 -11.73 -0.92
N TRP A 129 -5.34 -11.74 -2.18
CA TRP A 129 -6.25 -11.47 -3.29
C TRP A 129 -7.15 -12.67 -3.45
N TYR A 130 -6.56 -13.85 -3.33
CA TYR A 130 -7.29 -15.09 -3.46
C TYR A 130 -8.40 -15.14 -2.41
N ASN A 131 -8.03 -14.85 -1.15
CA ASN A 131 -8.98 -14.82 -0.04
C ASN A 131 -10.07 -13.77 -0.26
N GLU A 132 -9.69 -12.68 -0.91
CA GLU A 132 -10.61 -11.57 -1.10
C GLU A 132 -11.73 -11.99 -2.06
N VAL A 133 -11.39 -12.80 -3.06
CA VAL A 133 -12.39 -13.39 -3.94
C VAL A 133 -13.37 -14.25 -3.12
N GLY A 134 -12.84 -15.23 -2.39
CA GLY A 134 -13.65 -16.06 -1.52
C GLY A 134 -14.55 -15.26 -0.59
N LYS A 135 -14.00 -14.23 0.04
CA LYS A 135 -14.73 -13.42 1.02
C LYS A 135 -15.94 -12.73 0.42
N TRP A 136 -15.76 -12.11 -0.74
CA TRP A 136 -16.82 -11.32 -1.32
C TRP A 136 -17.89 -12.14 -2.03
N LEU A 137 -17.48 -13.11 -2.86
CA LEU A 137 -18.47 -13.86 -3.64
C LEU A 137 -18.57 -15.38 -3.50
N GLY A 138 -18.05 -15.90 -2.39
CA GLY A 138 -18.31 -17.28 -1.97
C GLY A 138 -18.06 -18.36 -3.00
N GLY A 139 -18.96 -19.34 -3.05
CA GLY A 139 -18.81 -20.45 -3.97
C GLY A 139 -19.08 -20.11 -5.43
N ARG A 140 -19.50 -18.89 -5.69
CA ARG A 140 -19.90 -18.47 -7.04
C ARG A 140 -18.79 -18.57 -8.08
N VAL A 141 -17.55 -18.36 -7.64
CA VAL A 141 -16.41 -18.37 -8.56
C VAL A 141 -15.19 -19.02 -7.89
N GLN A 142 -14.37 -19.72 -8.69
CA GLN A 142 -13.16 -20.33 -8.16
C GLN A 142 -11.91 -19.64 -8.70
N PRO A 143 -11.19 -18.91 -7.84
CA PRO A 143 -9.96 -18.33 -8.32
C PRO A 143 -8.82 -19.36 -8.26
N VAL A 144 -7.71 -19.03 -8.89
CA VAL A 144 -6.51 -19.85 -8.85
C VAL A 144 -5.32 -18.96 -8.52
N ALA A 145 -4.49 -19.42 -7.59
CA ALA A 145 -3.25 -18.71 -7.27
C ALA A 145 -2.03 -19.46 -7.77
N ILE A 146 -1.14 -18.74 -8.45
CA ILE A 146 0.18 -19.27 -8.81
C ILE A 146 1.27 -18.38 -8.22
N ASP A 147 2.16 -19.00 -7.46
CA ASP A 147 3.27 -18.28 -6.83
C ASP A 147 4.31 -19.30 -6.34
N GLY A 148 5.39 -19.45 -7.09
CA GLY A 148 6.40 -20.45 -6.76
C GLY A 148 5.91 -21.89 -6.86
N GLY A 149 6.79 -22.84 -6.59
CA GLY A 149 6.56 -24.24 -6.93
C GLY A 149 7.49 -24.55 -8.08
N SER A 150 7.49 -25.81 -8.55
CA SER A 150 8.34 -26.20 -9.66
C SER A 150 8.05 -25.41 -10.93
N LYS A 151 9.12 -25.10 -11.67
CA LYS A 151 9.03 -24.44 -12.99
C LYS A 151 8.05 -25.15 -13.91
N ASP A 152 7.88 -26.46 -13.70
CA ASP A 152 6.97 -27.26 -14.51
C ASP A 152 5.59 -27.42 -13.88
N GLU A 153 5.53 -27.47 -12.56
CA GLU A 153 4.24 -27.46 -11.86
C GLU A 153 3.48 -26.15 -12.09
N ILE A 154 4.21 -25.05 -12.22
CA ILE A 154 3.64 -23.75 -12.55
C ILE A 154 3.12 -23.72 -13.98
N ASP A 155 3.92 -24.26 -14.90
CA ASP A 155 3.51 -24.34 -16.30
C ASP A 155 2.21 -25.11 -16.47
N SER A 156 2.11 -26.27 -15.82
CA SER A 156 0.85 -27.01 -15.74
C SER A 156 -0.34 -26.17 -15.27
N LYS A 157 -0.18 -25.46 -14.15
CA LYS A 157 -1.27 -24.63 -13.64
C LYS A 157 -1.70 -23.60 -14.68
N LEU A 158 -0.71 -22.91 -15.26
CA LEU A 158 -0.97 -21.90 -16.29
C LEU A 158 -1.66 -22.47 -17.52
N VAL A 159 -1.21 -23.63 -17.96
CA VAL A 159 -1.80 -24.28 -19.13
C VAL A 159 -3.25 -24.63 -18.86
N ASN A 160 -3.53 -25.12 -17.65
CA ASN A 160 -4.91 -25.44 -17.25
C ASN A 160 -5.77 -24.19 -17.22
N PHE A 161 -5.19 -23.08 -16.79
CA PHE A 161 -5.91 -21.83 -16.69
C PHE A 161 -6.32 -21.26 -18.04
N ILE A 162 -5.49 -21.48 -19.06
CA ILE A 162 -5.75 -20.89 -20.36
C ILE A 162 -6.63 -21.78 -21.21
N SER A 163 -6.26 -23.05 -21.35
CA SER A 163 -7.07 -23.98 -22.14
C SER A 163 -8.36 -24.31 -21.39
N GLN A 164 -9.24 -23.32 -21.35
CA GLN A 164 -10.60 -23.49 -20.87
C GLN A 164 -11.59 -22.97 -21.94
N GLN A 165 -12.56 -23.83 -22.29
CA GLN A 165 -13.50 -23.60 -23.40
C GLN A 165 -14.59 -22.53 -23.15
N GLY A 166 -15.85 -22.86 -23.47
CA GLY A 166 -16.94 -21.89 -23.43
C GLY A 166 -18.04 -22.15 -22.41
N MET A 167 -18.69 -21.06 -21.99
CA MET A 167 -19.81 -21.06 -21.02
C MET A 167 -19.38 -21.30 -19.56
N ARG A 168 -19.29 -22.57 -19.15
CA ARG A 168 -18.81 -22.95 -17.81
C ARG A 168 -17.30 -23.14 -17.79
N ILE A 169 -16.61 -22.18 -17.18
CA ILE A 169 -15.15 -22.17 -17.06
C ILE A 169 -14.82 -22.19 -15.56
N PRO A 170 -14.47 -23.38 -15.01
CA PRO A 170 -14.35 -23.55 -13.54
C PRO A 170 -13.36 -22.61 -12.85
N THR A 171 -12.35 -22.13 -13.58
CA THR A 171 -11.28 -21.33 -12.98
C THR A 171 -10.97 -20.00 -13.72
N PRO A 172 -11.91 -19.04 -13.70
CA PRO A 172 -11.69 -17.90 -14.59
C PRO A 172 -10.79 -16.79 -14.05
N ILE A 173 -10.43 -16.82 -12.77
CA ILE A 173 -9.58 -15.77 -12.19
C ILE A 173 -8.22 -16.31 -11.76
N LEU A 174 -7.15 -15.80 -12.37
CA LEU A 174 -5.78 -16.16 -11.96
C LEU A 174 -5.09 -15.05 -11.21
N ILE A 175 -4.43 -15.41 -10.11
CA ILE A 175 -3.58 -14.48 -9.39
C ILE A 175 -2.16 -15.05 -9.38
N ILE A 176 -1.24 -14.39 -10.09
CA ILE A 176 0.18 -14.80 -10.14
C ILE A 176 0.96 -13.69 -9.48
N SER A 177 2.10 -14.02 -8.90
CA SER A 177 3.04 -13.00 -8.45
C SER A 177 3.74 -12.37 -9.63
N TYR A 178 4.27 -11.15 -9.47
CA TYR A 178 5.11 -10.57 -10.52
C TYR A 178 6.31 -11.46 -10.84
N GLU A 179 6.86 -12.10 -9.82
CA GLU A 179 8.06 -12.92 -10.00
C GLU A 179 7.80 -14.08 -10.95
N THR A 180 6.78 -14.86 -10.65
CA THR A 180 6.40 -16.01 -11.45
C THR A 180 5.84 -15.56 -12.80
N PHE A 181 5.05 -14.51 -12.80
CA PHE A 181 4.49 -13.96 -14.03
C PHE A 181 5.57 -13.61 -15.03
N ARG A 182 6.60 -12.90 -14.59
CA ARG A 182 7.62 -12.45 -15.52
C ARG A 182 8.44 -13.62 -16.07
N LEU A 183 8.60 -14.68 -15.27
CA LEU A 183 9.35 -15.85 -15.71
C LEU A 183 8.55 -16.84 -16.55
N HIS A 184 7.24 -16.64 -16.66
CA HIS A 184 6.37 -17.63 -17.29
C HIS A 184 5.39 -17.09 -18.30
N ALA A 185 5.49 -15.81 -18.63
CA ALA A 185 4.47 -15.17 -19.43
C ALA A 185 4.38 -15.65 -20.88
N GLU A 186 5.34 -16.46 -21.33
CA GLU A 186 5.28 -16.97 -22.70
C GLU A 186 4.08 -17.89 -22.89
N VAL A 187 3.72 -18.62 -21.84
CA VAL A 187 2.54 -19.47 -21.84
C VAL A 187 1.28 -18.65 -22.15
N LEU A 188 1.23 -17.42 -21.66
CA LEU A 188 0.06 -16.57 -21.81
C LEU A 188 -0.12 -15.96 -23.22
N HIS A 189 0.95 -15.97 -24.03
CA HIS A 189 0.92 -15.34 -25.34
C HIS A 189 -0.24 -15.89 -26.16
N LYS A 190 -1.05 -14.99 -26.72
CA LYS A 190 -2.22 -15.34 -27.55
C LYS A 190 -3.23 -16.26 -26.84
N GLY A 191 -3.30 -16.16 -25.53
CA GLY A 191 -4.14 -17.04 -24.73
C GLY A 191 -5.47 -16.46 -24.32
N LYS A 192 -5.92 -15.43 -25.04
CA LYS A 192 -7.23 -14.79 -24.79
C LYS A 192 -7.52 -14.56 -23.31
N VAL A 193 -6.84 -13.58 -22.72
CA VAL A 193 -7.16 -13.11 -21.40
C VAL A 193 -7.81 -11.75 -21.58
N GLY A 194 -8.99 -11.58 -20.99
CA GLY A 194 -9.77 -10.37 -21.17
C GLY A 194 -9.26 -9.17 -20.41
N LEU A 195 -8.80 -9.38 -19.18
CA LEU A 195 -8.43 -8.29 -18.29
C LEU A 195 -7.18 -8.60 -17.49
N VAL A 196 -6.32 -7.59 -17.34
CA VAL A 196 -5.18 -7.62 -16.43
C VAL A 196 -5.43 -6.61 -15.34
N ILE A 197 -5.05 -6.96 -14.12
CA ILE A 197 -4.99 -5.98 -13.07
C ILE A 197 -3.60 -6.10 -12.49
N CYS A 198 -2.78 -5.11 -12.78
CA CYS A 198 -1.45 -5.03 -12.22
C CYS A 198 -1.57 -4.34 -10.90
N ASP A 199 -1.46 -5.08 -9.81
CA ASP A 199 -1.55 -4.47 -8.49
C ASP A 199 -0.21 -3.81 -8.17
N GLU A 200 -0.24 -2.82 -7.27
CA GLU A 200 0.96 -2.13 -6.83
C GLU A 200 1.83 -1.77 -8.05
N GLY A 201 1.17 -1.29 -9.10
CA GLY A 201 1.77 -1.14 -10.41
C GLY A 201 2.69 0.05 -10.56
N HIS A 202 2.90 0.79 -9.48
CA HIS A 202 3.87 1.89 -9.48
C HIS A 202 5.32 1.40 -9.40
N ARG A 203 5.50 0.10 -9.18
CA ARG A 203 6.83 -0.51 -9.20
C ARG A 203 7.28 -0.73 -10.64
N LEU A 204 6.35 -0.58 -11.57
CA LEU A 204 6.62 -0.77 -12.99
C LEU A 204 7.14 0.50 -13.65
N LYS A 205 8.34 0.89 -13.28
CA LYS A 205 8.99 2.05 -13.86
C LYS A 205 9.63 1.67 -15.19
N ASN A 206 10.05 2.68 -15.95
CA ASN A 206 10.60 2.50 -17.30
C ASN A 206 11.65 1.40 -17.45
N SER A 207 12.43 1.16 -16.40
CA SER A 207 13.52 0.18 -16.47
C SER A 207 13.07 -1.28 -16.28
N ASP A 208 11.85 -1.47 -15.78
CA ASP A 208 11.28 -2.82 -15.64
C ASP A 208 10.83 -3.37 -17.00
N ASN A 209 11.82 -3.72 -17.82
CA ASN A 209 11.58 -4.18 -19.18
C ASN A 209 11.06 -5.61 -19.27
N GLN A 210 11.38 -6.42 -18.26
CA GLN A 210 10.82 -7.77 -18.10
C GLN A 210 9.29 -7.76 -18.06
N THR A 211 8.71 -6.99 -17.13
CA THR A 211 7.28 -7.04 -16.90
C THR A 211 6.51 -6.55 -18.11
N TYR A 212 7.02 -5.52 -18.76
CA TYR A 212 6.27 -4.92 -19.86
C TYR A 212 6.26 -5.85 -21.05
N LEU A 213 7.39 -6.51 -21.28
CA LEU A 213 7.52 -7.53 -22.30
C LEU A 213 6.54 -8.65 -22.00
N ALA A 214 6.60 -9.17 -20.78
CA ALA A 214 5.67 -10.19 -20.34
C ALA A 214 4.22 -9.72 -20.51
N LEU A 215 3.96 -8.47 -20.13
CA LEU A 215 2.62 -7.88 -20.24
C LEU A 215 2.16 -7.78 -21.69
N ASN A 216 3.11 -7.46 -22.58
CA ASN A 216 2.85 -7.39 -24.02
C ASN A 216 2.56 -8.76 -24.59
N SER A 217 3.39 -9.73 -24.22
CA SER A 217 3.21 -11.13 -24.62
C SER A 217 1.77 -11.57 -24.40
N MET A 218 1.26 -11.35 -23.19
CA MET A 218 -0.12 -11.66 -22.84
C MET A 218 -1.09 -10.90 -23.75
N ASN A 219 -0.96 -9.58 -23.77
CA ASN A 219 -1.81 -8.68 -24.55
C ASN A 219 -3.29 -8.81 -24.19
N ALA A 220 -3.61 -8.47 -22.94
CA ALA A 220 -5.02 -8.35 -22.55
C ALA A 220 -5.50 -6.99 -23.01
N GLN A 221 -6.70 -6.93 -23.57
CA GLN A 221 -7.25 -5.68 -24.10
C GLN A 221 -7.47 -4.67 -23.00
N ARG A 222 -8.24 -5.06 -21.99
CA ARG A 222 -8.56 -4.13 -20.92
C ARG A 222 -7.63 -4.31 -19.70
N ARG A 223 -7.15 -3.17 -19.20
CA ARG A 223 -6.03 -3.10 -18.27
C ARG A 223 -6.33 -2.16 -17.12
N VAL A 224 -6.28 -2.66 -15.89
CA VAL A 224 -6.39 -1.80 -14.72
C VAL A 224 -5.07 -1.82 -13.96
N LEU A 225 -4.43 -0.66 -13.92
CA LEU A 225 -3.21 -0.53 -13.16
C LEU A 225 -3.47 0.21 -11.86
N ILE A 226 -3.07 -0.40 -10.76
CA ILE A 226 -3.27 0.18 -9.44
C ILE A 226 -1.99 0.84 -8.95
N SER A 227 -2.05 2.07 -8.43
CA SER A 227 -0.86 2.67 -7.82
C SER A 227 -1.13 3.49 -6.54
N GLY A 228 -0.13 3.52 -5.67
CA GLY A 228 -0.22 4.26 -4.42
C GLY A 228 -0.31 5.75 -4.68
N THR A 229 0.72 6.29 -5.29
CA THR A 229 0.77 7.72 -5.60
C THR A 229 0.10 8.01 -6.94
N PRO A 230 -0.31 9.29 -7.16
CA PRO A 230 -0.59 9.76 -8.51
C PRO A 230 0.71 9.81 -9.36
N ILE A 231 0.55 9.78 -10.66
CA ILE A 231 1.68 9.56 -11.57
C ILE A 231 2.18 10.85 -12.23
N GLN A 232 1.28 11.79 -12.46
CA GLN A 232 1.54 12.88 -13.40
C GLN A 232 2.68 13.80 -13.00
N ASN A 233 2.94 13.87 -11.70
CA ASN A 233 4.00 14.71 -11.20
C ASN A 233 5.39 14.20 -11.60
N ASP A 234 5.50 12.89 -11.74
CA ASP A 234 6.76 12.23 -12.11
C ASP A 234 6.60 11.41 -13.39
N LEU A 235 5.89 11.98 -14.36
CA LEU A 235 5.55 11.28 -15.59
C LEU A 235 6.70 10.67 -16.34
N LEU A 236 7.85 11.35 -16.33
CA LEU A 236 8.97 10.93 -17.19
C LEU A 236 9.51 9.56 -16.80
N GLU A 237 9.23 9.18 -15.56
CA GLU A 237 9.63 7.87 -15.03
C GLU A 237 8.57 6.81 -15.34
N TYR A 238 7.48 7.20 -16.00
CA TYR A 238 6.32 6.33 -16.19
C TYR A 238 5.80 6.24 -17.61
N PHE A 239 6.66 6.47 -18.59
CA PHE A 239 6.27 6.36 -19.99
C PHE A 239 5.64 5.00 -20.31
N SER A 240 6.36 3.93 -20.00
CA SER A 240 5.87 2.58 -20.24
C SER A 240 4.49 2.36 -19.63
N LEU A 241 4.35 2.69 -18.35
CA LEU A 241 3.09 2.54 -17.62
C LEU A 241 1.97 3.26 -18.33
N VAL A 242 2.18 4.55 -18.58
CA VAL A 242 1.19 5.37 -19.28
C VAL A 242 0.85 4.75 -20.63
N HIS A 243 1.86 4.24 -21.33
CA HIS A 243 1.63 3.67 -22.63
C HIS A 243 0.88 2.34 -22.55
N PHE A 244 1.26 1.47 -21.62
CA PHE A 244 0.56 0.21 -21.41
C PHE A 244 -0.94 0.46 -21.14
N VAL A 245 -1.22 1.34 -20.19
CA VAL A 245 -2.59 1.64 -19.81
C VAL A 245 -3.36 2.25 -20.96
N ASN A 246 -2.71 3.14 -21.70
CA ASN A 246 -3.40 3.97 -22.70
C ASN A 246 -3.13 3.62 -24.15
N SER A 247 -2.55 2.44 -24.40
CA SER A 247 -2.11 2.08 -25.74
C SER A 247 -3.23 2.10 -26.76
N GLY A 248 -4.47 1.97 -26.29
CA GLY A 248 -5.62 2.07 -27.18
C GLY A 248 -5.65 3.35 -28.00
N ILE A 249 -5.20 4.45 -27.41
CA ILE A 249 -5.17 5.73 -28.14
C ILE A 249 -3.78 6.32 -28.25
N LEU A 250 -2.79 5.68 -27.66
CA LEU A 250 -1.41 6.15 -27.79
C LEU A 250 -0.69 5.44 -28.93
N GLY A 251 -1.34 4.41 -29.47
CA GLY A 251 -0.79 3.61 -30.54
C GLY A 251 0.33 2.68 -30.11
N THR A 252 1.14 2.31 -31.08
CA THR A 252 2.28 1.42 -30.89
C THR A 252 3.35 2.00 -29.97
N ALA A 253 4.08 1.13 -29.29
CA ALA A 253 5.23 1.53 -28.48
C ALA A 253 6.19 2.43 -29.26
N GLN A 254 6.42 2.10 -30.53
CA GLN A 254 7.30 2.91 -31.39
C GLN A 254 6.63 4.21 -31.83
N GLU A 255 5.33 4.14 -32.10
CA GLU A 255 4.55 5.33 -32.46
C GLU A 255 4.58 6.32 -31.32
N PHE A 256 4.41 5.80 -30.10
CA PHE A 256 4.38 6.58 -28.87
C PHE A 256 5.75 7.20 -28.59
N LYS A 257 6.80 6.39 -28.72
CA LYS A 257 8.16 6.85 -28.59
C LYS A 257 8.42 8.00 -29.53
N LYS A 258 7.93 7.88 -30.77
CA LYS A 258 8.14 8.90 -31.79
C LYS A 258 7.36 10.18 -31.51
N ARG A 259 6.07 10.07 -31.24
CA ARG A 259 5.26 11.24 -30.97
C ARG A 259 5.60 11.93 -29.66
N PHE A 260 5.74 11.14 -28.60
CA PHE A 260 5.79 11.64 -27.23
C PHE A 260 7.14 11.58 -26.54
N GLU A 261 7.64 10.37 -26.31
CA GLU A 261 8.83 10.16 -25.50
C GLU A 261 10.09 10.86 -26.04
N ILE A 262 10.45 10.59 -27.29
CA ILE A 262 11.66 11.16 -27.87
C ILE A 262 11.66 12.69 -27.90
N PRO A 263 10.56 13.32 -28.38
CA PRO A 263 10.46 14.78 -28.34
C PRO A 263 10.60 15.35 -26.92
N ILE A 264 9.90 14.74 -25.98
CA ILE A 264 9.92 15.18 -24.57
C ILE A 264 11.33 15.15 -24.00
N LEU A 265 12.06 14.08 -24.27
CA LEU A 265 13.43 13.96 -23.78
C LEU A 265 14.36 14.91 -24.51
N LYS A 266 14.11 15.07 -25.81
CA LYS A 266 14.88 15.97 -26.64
C LYS A 266 14.80 17.41 -26.12
N GLY A 267 13.59 17.85 -25.77
CA GLY A 267 13.39 19.19 -25.22
C GLY A 267 13.95 19.38 -23.82
N ARG A 268 13.97 18.29 -23.05
CA ARG A 268 14.44 18.36 -21.67
C ARG A 268 15.97 18.29 -21.60
N ASP A 269 16.60 18.00 -22.72
CA ASP A 269 18.06 17.90 -22.81
C ASP A 269 18.74 19.25 -22.58
N ALA A 270 19.81 19.26 -21.78
CA ALA A 270 20.47 20.49 -21.33
C ALA A 270 21.26 21.20 -22.43
N ASP A 271 20.55 21.63 -23.47
CA ASP A 271 21.14 22.29 -24.64
C ASP A 271 20.11 22.32 -25.78
N ALA A 272 18.85 22.13 -25.41
CA ALA A 272 17.74 22.08 -26.34
C ALA A 272 17.45 23.48 -26.90
N SER A 273 16.86 23.51 -28.09
CA SER A 273 16.87 24.71 -28.92
C SER A 273 15.82 25.77 -28.61
N ASP A 274 15.12 25.64 -27.48
CA ASP A 274 14.11 26.63 -27.09
C ASP A 274 12.83 26.36 -27.87
N LYS A 275 12.96 26.16 -29.18
CA LYS A 275 11.88 25.65 -29.99
C LYS A 275 11.64 24.20 -29.60
N ASP A 276 12.73 23.45 -29.43
CA ASP A 276 12.69 22.05 -28.97
C ASP A 276 12.15 21.94 -27.55
N ARG A 277 12.55 22.85 -26.69
CA ARG A 277 12.08 22.84 -25.31
C ARG A 277 10.57 22.96 -25.33
N ALA A 278 10.08 23.92 -26.12
CA ALA A 278 8.66 24.21 -26.25
C ALA A 278 7.87 23.06 -26.82
N ALA A 279 8.40 22.41 -27.85
CA ALA A 279 7.74 21.27 -28.46
C ALA A 279 7.51 20.16 -27.45
N GLY A 280 8.57 19.75 -26.75
CA GLY A 280 8.54 18.62 -25.83
C GLY A 280 7.57 18.83 -24.69
N GLU A 281 7.67 19.99 -24.05
CA GLU A 281 6.78 20.35 -22.95
C GLU A 281 5.32 20.26 -23.40
N GLN A 282 5.02 20.81 -24.57
CA GLN A 282 3.68 20.70 -25.16
C GLN A 282 3.21 19.23 -25.21
N LYS A 283 4.10 18.34 -25.61
CA LYS A 283 3.76 16.92 -25.68
C LYS A 283 3.54 16.36 -24.28
N LEU A 284 4.37 16.80 -23.33
CA LEU A 284 4.20 16.34 -21.95
C LEU A 284 2.84 16.74 -21.41
N GLN A 285 2.41 17.96 -21.74
CA GLN A 285 1.09 18.43 -21.33
C GLN A 285 -0.03 17.58 -21.92
N GLU A 286 0.13 17.18 -23.19
CA GLU A 286 -0.85 16.31 -23.84
C GLU A 286 -0.96 15.01 -23.08
N LEU A 287 0.19 14.44 -22.76
CA LEU A 287 0.28 13.19 -22.03
C LEU A 287 -0.36 13.31 -20.65
N ILE A 288 -0.08 14.40 -19.95
CA ILE A 288 -0.71 14.69 -18.66
C ILE A 288 -2.24 14.70 -18.77
N SER A 289 -2.80 15.34 -19.80
CA SER A 289 -4.25 15.31 -20.01
C SER A 289 -4.78 13.87 -20.17
N ILE A 290 -4.03 13.03 -20.88
CA ILE A 290 -4.43 11.63 -21.05
C ILE A 290 -4.42 10.90 -19.71
N VAL A 291 -3.40 11.13 -18.88
CA VAL A 291 -3.32 10.45 -17.61
C VAL A 291 -4.49 10.93 -16.76
N ASN A 292 -4.69 12.24 -16.75
CA ASN A 292 -5.80 12.83 -16.02
C ASN A 292 -7.14 12.22 -16.40
N ARG A 293 -7.33 12.02 -17.71
CA ARG A 293 -8.57 11.49 -18.25
C ARG A 293 -8.84 10.07 -17.71
N CYS A 294 -7.79 9.30 -17.45
CA CYS A 294 -7.92 7.87 -17.16
C CYS A 294 -7.60 7.44 -15.72
N LEU A 295 -7.27 8.41 -14.88
CA LEU A 295 -6.86 8.12 -13.51
C LEU A 295 -7.94 8.53 -12.53
N ILE A 296 -8.21 7.68 -11.55
CA ILE A 296 -9.05 8.06 -10.44
C ILE A 296 -8.26 8.03 -9.13
N ARG A 297 -8.38 9.09 -8.34
CA ARG A 297 -7.78 9.11 -7.00
C ARG A 297 -8.69 9.77 -5.96
N ARG A 298 -9.05 8.99 -4.95
CA ARG A 298 -9.76 9.47 -3.78
C ARG A 298 -8.91 9.25 -2.55
N THR A 299 -9.03 10.14 -1.57
CA THR A 299 -8.19 10.08 -0.37
C THR A 299 -8.97 9.50 0.82
N SER A 300 -8.26 9.10 1.88
CA SER A 300 -8.89 8.40 3.02
C SER A 300 -9.77 9.27 3.92
N ASP A 301 -9.79 10.58 3.70
CA ASP A 301 -10.61 11.45 4.52
C ASP A 301 -12.11 11.26 4.27
N ILE A 302 -12.46 10.61 3.18
CA ILE A 302 -13.86 10.38 2.88
C ILE A 302 -14.45 9.24 3.73
N LEU A 303 -13.58 8.41 4.30
CA LEU A 303 -14.02 7.34 5.19
C LEU A 303 -14.61 7.93 6.48
N SER A 304 -14.13 9.09 6.87
CA SER A 304 -14.55 9.75 8.10
C SER A 304 -16.02 10.09 8.07
N LYS A 305 -16.65 9.99 6.91
CA LYS A 305 -18.07 10.25 6.80
C LYS A 305 -18.93 9.03 7.12
N TYR A 306 -18.33 7.94 7.57
CA TYR A 306 -19.10 6.79 8.05
C TYR A 306 -18.35 5.85 8.97
N LEU A 307 -17.09 6.14 9.26
CA LEU A 307 -16.34 5.34 10.21
C LEU A 307 -16.20 6.07 11.53
N PRO A 308 -15.89 5.34 12.61
CA PRO A 308 -15.56 5.96 13.87
C PRO A 308 -14.39 6.92 13.73
N VAL A 309 -14.18 7.77 14.72
CA VAL A 309 -12.99 8.62 14.80
C VAL A 309 -11.70 7.80 14.78
N LYS A 310 -10.78 8.17 13.91
CA LYS A 310 -9.44 7.60 13.92
C LYS A 310 -8.51 8.65 14.52
N ILE A 311 -7.57 8.20 15.34
CA ILE A 311 -6.57 9.09 15.92
C ILE A 311 -5.18 8.59 15.54
N GLU A 312 -4.44 9.38 14.80
CA GLU A 312 -3.08 9.00 14.43
C GLU A 312 -2.08 9.72 15.32
N GLN A 313 -1.07 8.98 15.77
CA GLN A 313 -0.04 9.53 16.64
C GLN A 313 1.34 9.05 16.22
N VAL A 314 2.16 9.97 15.76
CA VAL A 314 3.56 9.68 15.52
C VAL A 314 4.27 9.95 16.83
N VAL A 315 4.92 8.93 17.38
CA VAL A 315 5.54 9.02 18.69
C VAL A 315 7.06 8.99 18.61
N CYS A 316 7.71 10.08 18.98
CA CYS A 316 9.17 10.10 19.03
C CYS A 316 9.69 9.58 20.35
N CYS A 317 10.42 8.47 20.27
CA CYS A 317 10.92 7.77 21.44
C CYS A 317 12.42 7.92 21.56
N ASN A 318 12.87 8.29 22.74
CA ASN A 318 14.29 8.50 22.99
C ASN A 318 15.09 7.22 23.03
N LEU A 319 16.19 7.20 22.30
CA LEU A 319 17.14 6.11 22.40
C LEU A 319 17.60 5.92 23.84
N THR A 320 17.64 4.66 24.26
CA THR A 320 18.32 4.17 25.45
C THR A 320 19.77 4.71 25.55
N PRO A 321 20.22 5.06 26.78
CA PRO A 321 21.66 5.29 27.00
C PRO A 321 22.50 4.29 26.23
N LEU A 322 22.19 2.99 26.36
CA LEU A 322 22.91 1.93 25.65
C LEU A 322 22.86 2.10 24.11
N GLN A 323 21.64 2.19 23.57
CA GLN A 323 21.46 2.44 22.14
C GLN A 323 22.32 3.61 21.63
N LYS A 324 22.33 4.71 22.37
CA LYS A 324 23.08 5.88 21.97
C LYS A 324 24.56 5.54 21.87
N GLU A 325 25.09 4.91 22.91
CA GLU A 325 26.49 4.52 22.97
C GLU A 325 26.88 3.59 21.83
N LEU A 326 26.00 2.64 21.51
CA LEU A 326 26.19 1.77 20.36
C LEU A 326 26.14 2.57 19.06
N TYR A 327 25.13 3.43 18.94
CA TYR A 327 24.94 4.27 17.77
C TYR A 327 26.18 5.11 17.52
N LYS A 328 26.60 5.87 18.54
CA LYS A 328 27.80 6.69 18.45
C LYS A 328 28.95 5.83 18.01
N LEU A 329 29.15 4.72 18.71
CA LEU A 329 30.31 3.85 18.47
C LEU A 329 30.30 3.25 17.08
N PHE A 330 29.10 2.93 16.58
CA PHE A 330 28.98 2.45 15.20
C PHE A 330 29.41 3.52 14.20
N LEU A 331 28.84 4.72 14.30
CA LEU A 331 29.20 5.84 13.43
C LEU A 331 30.70 6.12 13.43
N LYS A 332 31.29 6.16 14.64
CA LYS A 332 32.72 6.43 14.80
C LYS A 332 33.62 5.38 14.11
N GLN A 333 33.23 4.11 14.20
CA GLN A 333 34.03 3.02 13.65
C GLN A 333 33.75 2.75 12.18
N ALA A 334 32.47 2.76 11.81
CA ALA A 334 32.05 2.45 10.44
C ALA A 334 32.37 3.56 9.46
N LYS A 335 32.35 4.80 9.95
CA LYS A 335 32.59 6.00 9.13
C LYS A 335 31.81 5.95 7.80
N PRO A 336 30.47 5.84 7.87
CA PRO A 336 29.66 5.57 6.67
C PRO A 336 29.58 6.74 5.70
N VAL A 337 29.87 7.94 6.21
CA VAL A 337 29.92 9.15 5.39
C VAL A 337 31.16 9.13 4.52
N GLU A 338 32.23 8.53 5.06
CA GLU A 338 33.53 8.46 4.39
C GLU A 338 33.83 7.02 3.98
N SER A 339 32.88 6.40 3.28
CA SER A 339 33.04 5.01 2.83
C SER A 339 32.75 4.82 1.34
N LEU A 340 31.93 5.71 0.77
CA LEU A 340 31.59 5.68 -0.67
C LEU A 340 31.08 7.04 -1.18
N GLN A 341 31.72 7.55 -2.22
CA GLN A 341 31.39 8.89 -2.73
C GLN A 341 31.26 9.06 -4.27
N THR A 342 32.22 9.74 -4.89
CA THR A 342 32.10 10.20 -6.29
C THR A 342 32.27 9.13 -7.38
N GLY A 343 31.13 8.66 -7.90
CA GLY A 343 31.12 7.64 -8.95
C GLY A 343 29.88 6.75 -8.93
N LYS A 344 29.24 6.68 -7.76
CA LYS A 344 28.05 5.85 -7.56
C LYS A 344 27.94 5.37 -6.12
N ILE A 345 28.23 4.08 -5.92
CA ILE A 345 28.34 3.49 -4.57
C ILE A 345 27.03 3.13 -3.89
N SER A 346 27.06 2.04 -3.12
CA SER A 346 25.90 1.61 -2.33
C SER A 346 26.09 0.28 -1.59
N VAL A 347 27.31 -0.24 -1.60
CA VAL A 347 27.62 -1.55 -0.99
C VAL A 347 27.59 -1.49 0.54
N SER A 348 28.40 -0.60 1.12
CA SER A 348 28.59 -0.55 2.58
C SER A 348 27.77 0.54 3.27
N SER A 349 27.09 1.38 2.49
CA SER A 349 26.15 2.36 3.04
C SER A 349 24.76 1.74 3.20
N LEU A 350 24.44 0.77 2.36
CA LEU A 350 23.24 -0.04 2.52
C LEU A 350 23.29 -0.74 3.87
N SER A 351 24.41 -1.40 4.15
CA SER A 351 24.55 -2.20 5.38
C SER A 351 24.68 -1.38 6.66
N SER A 352 25.35 -0.23 6.59
CA SER A 352 25.41 0.66 7.75
C SER A 352 24.04 1.25 8.09
N ILE A 353 23.26 1.62 7.07
CA ILE A 353 21.84 1.97 7.27
C ILE A 353 21.11 0.79 7.90
N THR A 354 21.26 -0.40 7.31
CA THR A 354 20.65 -1.62 7.81
C THR A 354 20.95 -1.88 9.27
N SER A 355 22.21 -1.70 9.68
CA SER A 355 22.57 -1.94 11.07
C SER A 355 21.95 -0.91 12.01
N LEU A 356 21.95 0.36 11.59
CA LEU A 356 21.41 1.41 12.44
C LEU A 356 19.91 1.23 12.66
N LYS A 357 19.20 0.81 11.61
CA LYS A 357 17.78 0.51 11.72
C LYS A 357 17.53 -0.62 12.71
N LYS A 358 18.33 -1.68 12.63
CA LYS A 358 18.23 -2.78 13.62
C LYS A 358 18.49 -2.24 15.01
N LEU A 359 19.58 -1.50 15.17
CA LEU A 359 19.91 -0.89 16.44
C LEU A 359 18.74 -0.10 17.05
N CYS A 360 18.10 0.74 16.25
CA CYS A 360 16.96 1.53 16.73
C CYS A 360 15.82 0.66 17.21
N ASN A 361 15.64 -0.47 16.54
CA ASN A 361 14.60 -1.39 16.90
C ASN A 361 14.92 -2.05 18.22
N HIS A 362 16.15 -2.57 18.34
CA HIS A 362 16.66 -3.18 19.58
C HIS A 362 18.10 -3.68 19.42
N PRO A 363 19.02 -3.28 20.34
CA PRO A 363 20.39 -3.80 20.35
C PRO A 363 20.51 -5.31 20.12
N ALA A 364 19.55 -6.08 20.64
CA ALA A 364 19.57 -7.55 20.48
C ALA A 364 19.74 -7.94 19.03
N LEU A 365 19.12 -7.18 18.12
CA LEU A 365 19.24 -7.39 16.68
C LEU A 365 20.64 -7.11 16.17
N ILE A 366 21.41 -6.35 16.96
CA ILE A 366 22.76 -5.97 16.59
C ILE A 366 23.83 -6.85 17.27
N TYR A 367 23.42 -7.56 18.32
CA TYR A 367 24.33 -8.32 19.18
C TYR A 367 25.23 -9.30 18.45
N GLU A 368 24.68 -10.03 17.48
CA GLU A 368 25.45 -11.04 16.74
C GLU A 368 26.74 -10.47 16.13
N LYS A 369 26.67 -9.23 15.66
CA LYS A 369 27.81 -8.56 15.04
C LYS A 369 28.89 -8.19 16.05
N CYS A 370 28.49 -8.02 17.31
CA CYS A 370 29.41 -7.68 18.41
C CYS A 370 30.26 -8.88 18.83
N LEU A 371 29.70 -10.08 18.68
CA LEU A 371 30.41 -11.32 18.93
C LEU A 371 31.49 -11.57 17.87
N THR A 372 31.18 -11.23 16.62
CA THR A 372 32.13 -11.37 15.52
C THR A 372 33.28 -10.38 15.64
N GLY A 373 32.99 -9.20 16.21
CA GLY A 373 33.92 -8.08 16.21
C GLY A 373 34.02 -7.51 14.81
N GLU A 374 32.90 -7.58 14.08
CA GLU A 374 32.80 -7.15 12.70
C GLU A 374 32.93 -5.62 12.59
N GLU A 375 33.41 -5.15 11.43
CA GLU A 375 33.65 -3.73 11.16
C GLU A 375 32.50 -2.82 11.65
N GLY A 376 32.74 -2.11 12.75
CA GLY A 376 31.75 -1.15 13.28
C GLY A 376 31.22 -1.47 14.68
N PHE A 377 31.62 -2.62 15.23
CA PHE A 377 31.15 -3.05 16.55
C PHE A 377 32.29 -3.52 17.49
N ASP A 378 33.51 -3.06 17.23
CA ASP A 378 34.65 -3.37 18.09
C ASP A 378 34.47 -2.84 19.50
N GLY A 379 34.38 -3.75 20.47
CA GLY A 379 34.25 -3.38 21.87
C GLY A 379 32.83 -2.95 22.23
N ALA A 380 31.91 -3.21 21.32
CA ALA A 380 30.49 -2.94 21.55
C ALA A 380 29.90 -3.94 22.55
N LEU A 381 30.45 -5.16 22.58
CA LEU A 381 30.01 -6.20 23.51
C LEU A 381 30.26 -5.81 24.97
N ASP A 382 31.20 -4.89 25.19
CA ASP A 382 31.50 -4.38 26.53
C ASP A 382 30.44 -3.39 27.02
N LEU A 383 29.70 -2.82 26.08
CA LEU A 383 28.66 -1.84 26.40
C LEU A 383 27.38 -2.50 26.88
N PHE A 384 27.11 -3.71 26.42
CA PHE A 384 25.94 -4.48 26.84
C PHE A 384 25.93 -4.71 28.35
N PRO A 385 24.73 -4.83 28.96
CA PRO A 385 24.61 -4.83 30.42
C PRO A 385 25.30 -6.01 31.10
N GLN A 386 25.60 -5.80 32.39
CA GLN A 386 26.33 -6.76 33.23
C GLN A 386 25.97 -8.23 33.00
N ASN A 387 24.69 -8.51 32.77
CA ASN A 387 24.21 -9.87 32.54
C ASN A 387 23.07 -9.91 31.53
N TYR A 388 23.36 -10.44 30.34
CA TYR A 388 22.48 -10.33 29.18
C TYR A 388 22.37 -11.67 28.43
N SER A 389 21.28 -11.90 27.71
CA SER A 389 21.12 -13.10 26.89
C SER A 389 20.30 -12.91 25.61
N THR A 390 20.08 -14.02 24.91
CA THR A 390 19.27 -14.04 23.69
C THR A 390 17.81 -14.31 24.02
N LYS A 391 17.55 -15.39 24.76
CA LYS A 391 16.19 -15.86 25.08
C LYS A 391 15.29 -14.74 25.61
N ALA A 392 15.63 -14.16 26.75
CA ALA A 392 14.88 -13.04 27.31
C ALA A 392 15.18 -11.74 26.56
N VAL A 393 14.13 -11.08 26.06
CA VAL A 393 14.27 -9.74 25.47
C VAL A 393 14.06 -8.74 26.58
N GLU A 394 14.83 -7.66 26.55
CA GLU A 394 14.68 -6.65 27.56
C GLU A 394 14.17 -5.36 26.92
N PRO A 395 12.85 -5.12 27.04
CA PRO A 395 12.25 -4.00 26.32
C PRO A 395 12.84 -2.64 26.71
N GLN A 396 13.41 -2.53 27.91
CA GLN A 396 14.00 -1.28 28.38
C GLN A 396 15.24 -0.87 27.61
N LEU A 397 15.94 -1.86 27.05
CA LEU A 397 17.18 -1.63 26.32
C LEU A 397 16.98 -0.88 25.01
N SER A 398 15.73 -0.71 24.60
CA SER A 398 15.39 0.03 23.40
C SER A 398 14.30 1.04 23.71
N GLY A 399 14.42 2.24 23.13
CA GLY A 399 13.41 3.26 23.32
C GLY A 399 12.06 2.81 22.81
N LYS A 400 12.01 2.48 21.52
CA LYS A 400 10.75 2.10 20.87
C LYS A 400 10.10 0.87 21.51
N MET A 401 10.91 -0.16 21.77
CA MET A 401 10.43 -1.39 22.41
C MET A 401 9.84 -1.11 23.78
N LEU A 402 10.42 -0.16 24.51
CA LEU A 402 9.92 0.21 25.82
C LEU A 402 8.53 0.78 25.66
N VAL A 403 8.43 1.85 24.87
CA VAL A 403 7.14 2.46 24.57
C VAL A 403 6.11 1.43 24.07
N LEU A 404 6.53 0.53 23.18
CA LEU A 404 5.66 -0.57 22.73
C LEU A 404 5.12 -1.34 23.93
N ASP A 405 6.05 -1.82 24.76
CA ASP A 405 5.74 -2.52 26.00
C ASP A 405 4.67 -1.76 26.76
N TYR A 406 4.94 -0.49 27.01
CA TYR A 406 4.05 0.39 27.73
C TYR A 406 2.64 0.42 27.12
N ILE A 407 2.58 0.63 25.81
CA ILE A 407 1.31 0.76 25.14
C ILE A 407 0.50 -0.51 25.35
N LEU A 408 1.12 -1.65 25.06
CA LEU A 408 0.44 -2.92 25.22
C LEU A 408 0.01 -3.15 26.66
N ALA A 409 0.90 -2.87 27.62
CA ALA A 409 0.56 -3.07 29.04
C ALA A 409 -0.61 -2.19 29.45
N MET A 410 -0.56 -0.91 29.08
CA MET A 410 -1.64 0.03 29.37
C MET A 410 -2.93 -0.39 28.69
N THR A 411 -2.84 -0.74 27.41
CA THR A 411 -4.00 -1.16 26.64
C THR A 411 -4.69 -2.37 27.27
N ARG A 412 -3.89 -3.33 27.75
CA ARG A 412 -4.42 -4.56 28.29
C ARG A 412 -5.19 -4.36 29.60
N THR A 413 -4.78 -3.39 30.41
CA THR A 413 -5.43 -3.18 31.72
C THR A 413 -6.46 -2.05 31.76
N THR A 414 -6.49 -1.24 30.72
CA THR A 414 -7.26 0.01 30.71
C THR A 414 -8.46 -0.08 29.77
N THR A 415 -8.37 -0.99 28.81
CA THR A 415 -9.40 -1.20 27.81
C THR A 415 -9.52 -2.67 27.56
N SER A 416 -10.49 -3.05 26.75
CA SER A 416 -10.54 -4.39 26.19
C SER A 416 -10.36 -4.29 24.68
N ASP A 417 -9.35 -3.54 24.27
CA ASP A 417 -9.02 -3.37 22.87
C ASP A 417 -8.03 -4.45 22.42
N LYS A 418 -8.15 -4.88 21.17
CA LYS A 418 -7.15 -5.76 20.59
C LYS A 418 -6.15 -4.92 19.79
N VAL A 419 -4.96 -5.46 19.56
CA VAL A 419 -3.90 -4.68 18.92
C VAL A 419 -3.26 -5.41 17.75
N VAL A 420 -3.03 -4.67 16.66
CA VAL A 420 -2.23 -5.17 15.54
C VAL A 420 -0.81 -4.63 15.69
N LEU A 421 0.19 -5.51 15.66
CA LEU A 421 1.60 -5.09 15.61
C LEU A 421 2.20 -5.28 14.23
N VAL A 422 2.81 -4.24 13.71
CA VAL A 422 3.36 -4.29 12.36
C VAL A 422 4.84 -3.97 12.37
N SER A 423 5.64 -4.79 11.69
CA SER A 423 7.04 -4.45 11.47
C SER A 423 7.48 -4.83 10.07
N ASN A 424 8.40 -4.05 9.52
CA ASN A 424 8.98 -4.37 8.22
C ASN A 424 9.94 -5.56 8.30
N TYR A 425 10.32 -5.97 9.51
CA TYR A 425 11.37 -6.98 9.68
C TYR A 425 10.95 -8.24 10.44
N THR A 426 11.15 -9.39 9.81
CA THR A 426 10.89 -10.69 10.41
C THR A 426 11.51 -10.81 11.80
N GLN A 427 12.81 -10.52 11.90
CA GLN A 427 13.55 -10.69 13.15
C GLN A 427 13.01 -9.79 14.26
N THR A 428 12.45 -8.65 13.89
CA THR A 428 11.79 -7.78 14.86
C THR A 428 10.51 -8.45 15.35
N LEU A 429 9.75 -9.03 14.43
CA LEU A 429 8.55 -9.76 14.81
C LEU A 429 8.92 -10.89 15.76
N ASP A 430 10.06 -11.52 15.50
CA ASP A 430 10.56 -12.58 16.36
C ASP A 430 10.77 -12.10 17.78
N LEU A 431 11.15 -10.83 17.94
CA LEU A 431 11.28 -10.25 19.27
C LEU A 431 9.92 -9.98 19.91
N PHE A 432 8.95 -9.56 19.10
CA PHE A 432 7.58 -9.35 19.55
C PHE A 432 7.00 -10.65 20.10
N GLU A 433 7.29 -11.75 19.41
CA GLU A 433 6.82 -13.08 19.82
C GLU A 433 7.40 -13.43 21.18
N LYS A 434 8.63 -12.98 21.43
CA LYS A 434 9.31 -13.26 22.69
C LYS A 434 8.74 -12.41 23.79
N LEU A 435 8.57 -11.13 23.49
CA LEU A 435 7.91 -10.18 24.40
C LEU A 435 6.55 -10.72 24.85
N CYS A 436 5.74 -11.13 23.88
CA CYS A 436 4.39 -11.61 24.15
C CYS A 436 4.37 -12.82 25.06
N ARG A 437 5.29 -13.75 24.83
CA ARG A 437 5.39 -14.96 25.64
C ARG A 437 5.75 -14.62 27.07
N ASN A 438 6.71 -13.71 27.22
CA ASN A 438 7.16 -13.23 28.52
C ASN A 438 6.08 -12.45 29.27
N ARG A 439 5.35 -11.59 28.56
CA ARG A 439 4.27 -10.80 29.14
C ARG A 439 2.96 -11.57 29.28
N ARG A 440 2.96 -12.81 28.80
CA ARG A 440 1.78 -13.69 28.81
C ARG A 440 0.61 -13.14 27.98
N TYR A 441 0.90 -12.42 26.90
CA TYR A 441 -0.14 -12.06 25.94
C TYR A 441 -0.29 -13.19 24.94
N LEU A 442 -1.54 -13.58 24.67
CA LEU A 442 -1.83 -14.51 23.58
C LEU A 442 -1.85 -13.74 22.27
N TYR A 443 -1.41 -14.39 21.18
CA TYR A 443 -1.29 -13.71 19.89
C TYR A 443 -1.35 -14.65 18.69
N VAL A 444 -1.54 -14.06 17.50
CA VAL A 444 -1.35 -14.77 16.23
C VAL A 444 -0.39 -13.99 15.35
N ARG A 445 0.42 -14.71 14.58
CA ARG A 445 1.36 -14.08 13.66
C ARG A 445 1.06 -14.49 12.23
N LEU A 446 0.74 -13.50 11.40
CA LEU A 446 0.58 -13.72 9.97
C LEU A 446 1.96 -13.90 9.32
N ASP A 447 2.27 -15.15 8.98
CA ASP A 447 3.57 -15.57 8.45
C ASP A 447 3.86 -15.04 7.05
N GLY A 448 3.33 -15.76 6.06
CA GLY A 448 3.79 -15.70 4.68
C GLY A 448 4.02 -17.12 4.21
N THR A 449 4.38 -18.00 5.14
CA THR A 449 4.41 -19.46 4.91
C THR A 449 3.00 -20.01 5.10
N MET A 450 2.13 -19.17 5.65
CA MET A 450 0.74 -19.50 5.96
C MET A 450 -0.03 -19.87 4.71
N SER A 451 -0.67 -21.04 4.73
CA SER A 451 -1.54 -21.48 3.63
C SER A 451 -2.73 -20.54 3.47
N ILE A 452 -3.41 -20.65 2.34
CA ILE A 452 -4.57 -19.79 2.02
C ILE A 452 -5.68 -19.97 3.06
N LYS A 453 -5.93 -21.23 3.43
CA LYS A 453 -7.00 -21.60 4.35
C LYS A 453 -6.72 -21.06 5.75
N LYS A 454 -5.52 -21.36 6.25
CA LYS A 454 -5.06 -20.94 7.57
C LYS A 454 -5.01 -19.41 7.70
N ARG A 455 -4.68 -18.72 6.60
CA ARG A 455 -4.71 -17.25 6.54
C ARG A 455 -6.11 -16.69 6.75
N ALA A 456 -7.09 -17.31 6.11
CA ALA A 456 -8.49 -16.92 6.27
C ALA A 456 -8.97 -17.21 7.70
N LYS A 457 -8.55 -18.38 8.22
CA LYS A 457 -8.95 -18.85 9.54
C LYS A 457 -8.53 -17.90 10.67
N ILE A 458 -7.22 -17.66 10.79
CA ILE A 458 -6.72 -16.83 11.89
C ILE A 458 -7.23 -15.38 11.89
N VAL A 459 -7.49 -14.83 10.70
CA VAL A 459 -8.06 -13.49 10.58
C VAL A 459 -9.49 -13.48 11.12
N GLU A 460 -10.25 -14.51 10.74
CA GLU A 460 -11.63 -14.60 11.17
C GLU A 460 -11.72 -14.89 12.66
N ARG A 461 -10.78 -15.67 13.20
CA ARG A 461 -10.71 -15.90 14.63
C ARG A 461 -10.49 -14.56 15.33
N PHE A 462 -9.52 -13.80 14.81
CA PHE A 462 -9.12 -12.56 15.45
C PHE A 462 -10.21 -11.48 15.46
N ASN A 463 -10.96 -11.40 14.37
CA ASN A 463 -12.02 -10.41 14.27
C ASN A 463 -13.24 -10.74 15.09
N ASN A 464 -13.38 -12.02 15.46
CA ASN A 464 -14.39 -12.46 16.41
C ASN A 464 -14.10 -11.92 17.81
N PRO A 465 -15.09 -11.23 18.42
CA PRO A 465 -14.92 -10.71 19.79
C PRO A 465 -14.77 -11.81 20.86
N SER A 466 -15.36 -12.98 20.61
CA SER A 466 -15.16 -14.17 21.48
C SER A 466 -13.71 -14.65 21.57
N SER A 467 -12.90 -14.37 20.55
CA SER A 467 -11.52 -14.85 20.51
C SER A 467 -10.69 -14.27 21.66
N PRO A 468 -9.83 -15.10 22.27
CA PRO A 468 -8.95 -14.68 23.36
C PRO A 468 -7.65 -14.00 22.92
N GLU A 469 -7.38 -13.95 21.63
CA GLU A 469 -6.11 -13.44 21.12
C GLU A 469 -6.06 -11.92 21.27
N PHE A 470 -5.03 -11.43 21.94
CA PHE A 470 -4.88 -10.00 22.21
C PHE A 470 -4.22 -9.26 21.06
N ILE A 471 -3.13 -9.85 20.55
CA ILE A 471 -2.30 -9.22 19.52
C ILE A 471 -2.33 -10.01 18.22
N PHE A 472 -2.44 -9.29 17.11
CA PHE A 472 -2.24 -9.85 15.78
C PHE A 472 -1.03 -9.16 15.14
N MET A 473 0.07 -9.89 14.99
CA MET A 473 1.24 -9.31 14.35
C MET A 473 1.41 -9.76 12.91
N LEU A 474 1.84 -8.84 12.05
CA LEU A 474 2.16 -9.16 10.66
C LEU A 474 3.30 -8.31 10.13
N SER A 475 3.93 -8.76 9.06
CA SER A 475 4.92 -7.93 8.40
C SER A 475 4.21 -7.08 7.34
N SER A 476 4.57 -5.80 7.26
CA SER A 476 3.83 -4.87 6.40
C SER A 476 3.68 -5.31 4.95
N LYS A 477 4.62 -6.09 4.44
CA LYS A 477 4.52 -6.57 3.06
C LYS A 477 3.26 -7.42 2.84
N ALA A 478 2.70 -7.95 3.94
CA ALA A 478 1.49 -8.77 3.89
C ALA A 478 0.22 -7.98 4.27
N GLY A 479 0.40 -6.72 4.62
CA GLY A 479 -0.69 -5.91 5.16
C GLY A 479 -1.46 -5.09 4.14
N GLY A 480 -2.05 -5.76 3.16
CA GLY A 480 -2.85 -5.07 2.16
C GLY A 480 -3.87 -5.96 1.48
N CYS A 481 -4.43 -5.46 0.38
CA CYS A 481 -5.42 -6.20 -0.39
C CYS A 481 -6.59 -6.76 0.43
N GLY A 482 -7.25 -5.86 1.14
CA GLY A 482 -8.48 -6.18 1.86
C GLY A 482 -8.33 -6.89 3.19
N LEU A 483 -7.09 -7.22 3.58
CA LEU A 483 -6.87 -7.78 4.91
C LEU A 483 -7.46 -6.80 5.90
N ASN A 484 -8.37 -7.31 6.73
CA ASN A 484 -9.24 -6.49 7.55
C ASN A 484 -9.20 -7.01 8.97
N LEU A 485 -8.62 -6.25 9.88
CA LEU A 485 -8.44 -6.69 11.26
C LEU A 485 -9.29 -5.83 12.20
N ILE A 486 -10.57 -5.81 11.89
CA ILE A 486 -11.57 -4.95 12.50
C ILE A 486 -11.75 -5.22 14.00
N GLY A 487 -11.43 -6.44 14.42
CA GLY A 487 -11.50 -6.81 15.82
C GLY A 487 -10.54 -5.95 16.62
N ALA A 488 -9.39 -5.66 16.02
CA ALA A 488 -8.43 -4.75 16.61
C ALA A 488 -8.82 -3.30 16.35
N ASN A 489 -8.46 -2.48 17.33
CA ASN A 489 -8.99 -1.15 17.53
C ASN A 489 -7.81 -0.18 17.42
N ARG A 490 -6.62 -0.73 17.65
CA ARG A 490 -5.37 0.00 17.72
C ARG A 490 -4.31 -0.73 16.89
N LEU A 491 -3.43 0.02 16.26
CA LEU A 491 -2.38 -0.56 15.45
C LEU A 491 -1.06 0.16 15.68
N VAL A 492 0.01 -0.62 15.88
CA VAL A 492 1.34 -0.08 16.09
C VAL A 492 2.20 -0.35 14.87
N MET A 493 2.57 0.71 14.17
CA MET A 493 3.48 0.60 13.06
C MET A 493 4.85 0.81 13.68
N PHE A 494 5.56 -0.29 13.95
CA PHE A 494 6.78 -0.23 14.75
C PHE A 494 7.95 0.55 14.10
N ASP A 495 8.16 0.36 12.80
CA ASP A 495 9.30 0.97 12.13
C ASP A 495 8.94 1.47 10.72
N PRO A 496 9.62 2.55 10.25
CA PRO A 496 9.24 3.12 8.97
C PRO A 496 9.95 2.50 7.77
N ASP A 497 9.21 2.35 6.67
CA ASP A 497 9.77 1.98 5.39
C ASP A 497 10.22 3.22 4.59
N TRP A 498 11.10 3.02 3.63
CA TRP A 498 11.52 4.13 2.78
C TRP A 498 10.40 4.64 1.88
N ASN A 499 9.57 3.71 1.39
CA ASN A 499 8.39 4.03 0.58
C ASN A 499 7.19 4.29 1.48
N PRO A 500 6.60 5.50 1.38
CA PRO A 500 5.50 5.86 2.29
C PRO A 500 4.24 5.04 2.02
N ALA A 501 4.07 4.57 0.78
CA ALA A 501 2.93 3.75 0.39
C ALA A 501 2.86 2.44 1.16
N ASN A 502 4.01 1.88 1.51
CA ASN A 502 4.08 0.63 2.26
C ASN A 502 3.64 0.75 3.71
N ASP A 503 3.99 1.85 4.37
CA ASP A 503 3.57 2.09 5.74
C ASP A 503 2.09 2.36 5.74
N GLU A 504 1.67 3.18 4.78
CA GLU A 504 0.31 3.65 4.67
C GLU A 504 -0.64 2.48 4.49
N GLN A 505 -0.25 1.55 3.61
CA GLN A 505 -1.04 0.36 3.33
C GLN A 505 -1.26 -0.50 4.58
N ALA A 506 -0.20 -0.71 5.35
CA ALA A 506 -0.26 -1.59 6.49
C ALA A 506 -1.00 -0.95 7.64
N MET A 507 -0.91 0.37 7.76
CA MET A 507 -1.58 1.12 8.82
C MET A 507 -3.10 1.09 8.65
N ALA A 508 -3.55 0.83 7.42
CA ALA A 508 -4.96 0.91 7.06
C ALA A 508 -5.68 -0.41 7.20
N ARG A 509 -5.31 -1.20 8.22
CA ARG A 509 -5.86 -2.55 8.41
C ARG A 509 -7.00 -2.62 9.44
N VAL A 510 -7.21 -1.52 10.14
CA VAL A 510 -8.02 -1.50 11.34
C VAL A 510 -9.19 -0.48 11.26
N TRP A 511 -8.93 0.69 10.68
CA TRP A 511 -9.96 1.71 10.48
C TRP A 511 -10.71 1.42 9.19
N ARG A 512 -11.53 0.38 9.19
CA ARG A 512 -12.22 -0.02 7.97
C ARG A 512 -13.66 -0.37 8.24
N ASP A 513 -14.42 -0.54 7.15
CA ASP A 513 -15.86 -0.78 7.20
C ASP A 513 -16.17 -1.87 8.20
N GLY A 514 -17.02 -1.54 9.17
CA GLY A 514 -17.39 -2.50 10.19
C GLY A 514 -16.65 -2.29 11.49
N GLN A 515 -15.68 -1.38 11.51
CA GLN A 515 -15.02 -1.02 12.75
C GLN A 515 -16.05 -0.33 13.63
N LYS A 516 -16.12 -0.70 14.90
CA LYS A 516 -17.12 -0.13 15.81
C LYS A 516 -16.55 0.81 16.87
N LYS A 517 -15.22 0.85 16.99
CA LYS A 517 -14.56 1.66 18.03
C LYS A 517 -13.71 2.78 17.44
N THR A 518 -13.41 3.76 18.29
CA THR A 518 -12.41 4.79 17.97
C THR A 518 -11.08 4.10 17.73
N CYS A 519 -10.43 4.43 16.62
CA CYS A 519 -9.17 3.78 16.26
C CYS A 519 -7.97 4.59 16.65
N TYR A 520 -6.88 3.89 16.94
CA TYR A 520 -5.61 4.55 17.29
C TYR A 520 -4.46 3.95 16.51
N ILE A 521 -3.86 4.76 15.64
CA ILE A 521 -2.67 4.31 14.97
C ILE A 521 -1.48 4.94 15.67
N TYR A 522 -0.42 4.14 15.87
CA TYR A 522 0.81 4.63 16.47
C TYR A 522 1.99 4.40 15.51
N ARG A 523 2.79 5.43 15.26
CA ARG A 523 4.02 5.23 14.52
C ARG A 523 5.18 5.53 15.43
N LEU A 524 6.00 4.53 15.69
CA LEU A 524 7.12 4.72 16.58
C LEU A 524 8.36 5.09 15.78
N LEU A 525 9.07 6.12 16.24
CA LEU A 525 10.33 6.57 15.64
C LEU A 525 11.29 6.89 16.76
N SER A 526 12.57 6.60 16.53
CA SER A 526 13.62 6.94 17.48
C SER A 526 14.12 8.36 17.24
N THR A 527 13.98 9.24 18.24
CA THR A 527 14.37 10.65 18.14
C THR A 527 15.81 10.86 17.66
N GLY A 528 16.02 11.88 16.83
CA GLY A 528 17.34 12.28 16.33
C GLY A 528 18.14 11.17 15.68
N THR A 529 17.44 10.34 14.92
CA THR A 529 17.93 9.05 14.43
C THR A 529 17.63 8.92 12.94
N ILE A 530 18.23 7.96 12.24
CA ILE A 530 17.88 7.76 10.81
C ILE A 530 16.36 7.64 10.62
N GLU A 531 15.68 7.09 11.61
CA GLU A 531 14.24 6.88 11.50
C GLU A 531 13.50 8.17 11.20
N GLU A 532 13.86 9.25 11.91
CA GLU A 532 13.22 10.53 11.61
C GLU A 532 13.56 10.94 10.19
N LYS A 533 14.79 10.67 9.77
CA LYS A 533 15.20 10.97 8.40
C LYS A 533 14.39 10.17 7.38
N ILE A 534 14.03 8.93 7.75
CA ILE A 534 13.21 8.08 6.89
C ILE A 534 11.83 8.67 6.77
N LEU A 535 11.22 8.99 7.90
CA LEU A 535 9.90 9.60 7.92
C LEU A 535 9.92 10.97 7.22
N GLN A 536 11.10 11.58 7.16
CA GLN A 536 11.25 12.86 6.48
C GLN A 536 11.28 12.71 4.98
N ARG A 537 11.97 11.68 4.51
CA ARG A 537 12.04 11.41 3.07
C ARG A 537 10.70 10.91 2.56
N GLN A 538 9.96 10.18 3.40
CA GLN A 538 8.60 9.79 3.08
C GLN A 538 7.80 11.05 2.79
N ALA A 539 7.77 11.96 3.76
CA ALA A 539 7.06 13.23 3.64
C ALA A 539 7.43 13.95 2.37
N HIS A 540 8.73 13.98 2.08
CA HIS A 540 9.28 14.65 0.91
C HIS A 540 8.76 14.03 -0.38
N LYS A 541 8.66 12.71 -0.40
CA LYS A 541 8.15 11.98 -1.56
C LYS A 541 6.68 12.31 -1.81
N LYS A 542 5.86 12.23 -0.75
CA LYS A 542 4.43 12.58 -0.80
C LYS A 542 4.17 14.04 -1.18
N ALA A 543 4.98 14.95 -0.64
CA ALA A 543 4.83 16.40 -0.89
C ALA A 543 4.97 16.74 -2.36
N LEU A 544 6.00 16.18 -3.00
CA LEU A 544 6.17 16.30 -4.43
C LEU A 544 5.22 15.34 -5.16
N SER A 545 3.96 15.33 -4.69
CA SER A 545 2.85 14.47 -5.16
C SER A 545 3.17 13.00 -5.45
N SER A 546 3.87 12.74 -6.56
CA SER A 546 4.23 11.37 -6.97
C SER A 546 5.39 10.78 -6.15
N CYS A 547 6.56 10.66 -6.77
CA CYS A 547 7.79 10.14 -6.15
C CYS A 547 7.67 8.73 -5.55
N VAL A 548 7.61 7.72 -6.42
CA VAL A 548 7.68 6.34 -5.98
C VAL A 548 9.12 5.84 -6.15
N VAL A 549 9.65 5.24 -5.10
CA VAL A 549 10.99 4.67 -5.12
C VAL A 549 11.07 3.45 -4.20
N ASP A 550 11.38 2.30 -4.81
CA ASP A 550 11.72 1.08 -4.08
C ASP A 550 13.19 1.17 -3.66
N GLU A 551 14.03 1.67 -4.56
CA GLU A 551 15.43 1.95 -4.26
C GLU A 551 15.55 3.18 -3.37
N GLU A 552 16.46 3.11 -2.40
CA GLU A 552 16.69 4.17 -1.42
C GLU A 552 17.94 3.83 -0.60
N GLN A 553 17.86 2.70 0.10
CA GLN A 553 19.00 2.14 0.81
C GLN A 553 19.97 1.46 -0.16
N ASP A 554 19.48 1.16 -1.36
CA ASP A 554 20.30 0.55 -2.42
C ASP A 554 21.22 1.58 -3.08
N VAL A 555 20.89 2.00 -4.30
CA VAL A 555 21.68 3.00 -5.03
C VAL A 555 21.56 4.38 -4.38
N GLU A 556 22.58 4.75 -3.61
CA GLU A 556 22.57 6.01 -2.85
C GLU A 556 23.29 7.16 -3.56
N ARG A 557 23.09 7.24 -4.88
CA ARG A 557 23.68 8.31 -5.69
C ARG A 557 22.79 9.57 -5.73
N HIS A 558 21.64 9.51 -5.07
CA HIS A 558 20.68 10.63 -5.03
C HIS A 558 20.61 11.33 -3.66
N PHE A 559 21.77 11.52 -3.03
CA PHE A 559 21.85 12.22 -1.74
C PHE A 559 22.84 13.38 -1.75
N SER A 560 24.13 13.06 -1.86
CA SER A 560 25.25 14.02 -1.92
C SER A 560 25.95 14.25 -0.56
N LEU A 561 27.11 14.89 -0.63
CA LEU A 561 28.01 15.10 0.52
C LEU A 561 27.30 15.47 1.84
N GLY A 562 26.53 16.55 1.81
CA GLY A 562 25.89 17.09 3.01
C GLY A 562 24.64 16.35 3.46
N GLU A 563 23.84 15.92 2.49
CA GLU A 563 22.58 15.23 2.75
C GLU A 563 22.83 13.83 3.31
N LEU A 564 23.93 13.22 2.90
CA LEU A 564 24.40 11.95 3.46
C LEU A 564 24.84 12.13 4.89
N ARG A 565 25.65 13.16 5.12
CA ARG A 565 26.13 13.50 6.46
C ARG A 565 24.95 13.51 7.43
N GLU A 566 23.87 14.18 7.02
CA GLU A 566 22.63 14.27 7.80
C GLU A 566 22.00 12.91 8.05
N LEU A 567 21.97 12.07 7.02
CA LEU A 567 21.39 10.74 7.14
C LEU A 567 22.05 9.91 8.25
N PHE A 568 23.37 10.06 8.42
CA PHE A 568 24.10 9.34 9.45
C PHE A 568 24.47 10.20 10.66
N SER A 569 23.53 11.01 11.13
CA SER A 569 23.77 11.85 12.30
C SER A 569 23.08 11.28 13.52
N LEU A 570 23.52 11.70 14.70
CA LEU A 570 22.75 11.48 15.90
C LEU A 570 22.54 12.78 16.66
N ASN A 571 21.28 13.16 16.84
CA ASN A 571 20.95 14.29 17.69
C ASN A 571 20.46 13.76 19.04
N GLU A 572 21.24 14.01 20.08
CA GLU A 572 20.90 13.54 21.41
C GLU A 572 20.07 14.58 22.16
N LYS A 573 20.11 15.83 21.69
CA LYS A 573 19.40 16.97 22.31
C LYS A 573 17.92 17.17 21.92
N THR A 574 17.53 16.88 20.68
CA THR A 574 16.19 17.23 20.21
C THR A 574 15.05 16.50 20.88
N LEU A 575 13.89 17.12 20.84
CA LEU A 575 12.67 16.45 21.16
C LEU A 575 12.12 15.76 19.91
N SER A 576 12.37 16.38 18.76
CA SER A 576 12.07 15.78 17.46
C SER A 576 12.77 16.56 16.37
N ASP A 577 13.70 15.90 15.67
CA ASP A 577 14.36 16.46 14.47
C ASP A 577 13.34 16.89 13.42
N THR A 578 12.31 16.07 13.22
CA THR A 578 11.26 16.38 12.28
C THR A 578 10.68 17.76 12.58
N HIS A 579 10.37 18.01 13.85
CA HIS A 579 9.76 19.28 14.26
C HIS A 579 10.74 20.45 14.10
N ASP A 580 11.99 20.25 14.50
CA ASP A 580 13.01 21.30 14.38
C ASP A 580 13.07 21.80 12.95
N ARG A 581 13.13 20.84 12.04
CA ARG A 581 13.26 21.09 10.62
C ARG A 581 12.06 21.89 10.06
N PHE A 582 10.89 21.80 10.71
CA PHE A 582 9.76 22.66 10.32
C PHE A 582 10.05 24.13 10.55
N ARG A 583 10.74 24.44 11.64
CA ARG A 583 10.84 25.83 12.14
C ARG A 583 9.43 26.38 12.37
N CYS A 584 8.65 25.57 13.09
CA CYS A 584 7.24 25.81 13.42
C CYS A 584 7.01 27.20 13.99
N ARG A 585 6.02 27.91 13.47
CA ARG A 585 5.67 29.20 14.07
C ARG A 585 4.50 29.07 15.04
N ARG A 586 4.13 27.84 15.38
CA ARG A 586 2.94 27.61 16.19
C ARG A 586 3.29 27.19 17.61
N CYS A 587 4.52 26.73 17.82
CA CYS A 587 4.98 26.27 19.12
C CYS A 587 6.02 27.22 19.75
N VAL A 588 5.86 27.49 21.05
CA VAL A 588 6.80 28.32 21.82
C VAL A 588 7.26 27.58 23.08
N ASN A 589 8.58 27.34 23.16
CA ASN A 589 9.19 26.59 24.27
C ASN A 589 8.48 25.30 24.65
N GLY A 590 8.24 24.45 23.66
CA GLY A 590 7.60 23.17 23.90
C GLY A 590 6.08 23.21 24.01
N ARG A 591 5.49 24.38 24.13
CA ARG A 591 4.02 24.44 24.12
C ARG A 591 3.48 24.84 22.76
N GLN A 592 2.40 24.19 22.34
CA GLN A 592 1.70 24.55 21.09
C GLN A 592 0.80 25.76 21.33
N VAL A 593 1.23 26.92 20.84
CA VAL A 593 0.57 28.18 21.11
C VAL A 593 -0.60 28.41 20.19
N ARG A 594 -0.46 28.06 18.92
CA ARG A 594 -1.59 28.08 17.98
C ARG A 594 -1.92 26.68 17.50
N PRO A 595 -3.21 26.36 17.36
CA PRO A 595 -3.61 25.05 16.83
C PRO A 595 -3.38 24.92 15.31
N PRO A 596 -3.44 23.69 14.75
CA PRO A 596 -3.34 23.57 13.30
C PRO A 596 -4.61 24.11 12.63
N PRO A 597 -4.56 24.38 11.31
CA PRO A 597 -5.76 24.85 10.61
C PRO A 597 -6.99 24.00 10.94
N ASP A 598 -8.16 24.65 10.96
CA ASP A 598 -9.40 24.06 11.48
C ASP A 598 -9.77 22.69 10.88
N ASP A 599 -9.53 22.56 9.59
CA ASP A 599 -10.05 21.45 8.80
C ASP A 599 -8.96 20.48 8.40
N SER A 600 -7.81 20.55 9.06
CA SER A 600 -6.72 19.66 8.73
C SER A 600 -6.93 18.32 9.45
N ASP A 601 -6.50 17.24 8.82
CA ASP A 601 -6.78 15.90 9.35
C ASP A 601 -5.54 15.01 9.21
N CYS A 602 -5.72 13.71 9.40
CA CYS A 602 -4.62 12.75 9.31
C CYS A 602 -3.95 12.69 7.94
N THR A 603 -4.60 13.23 6.90
CA THR A 603 -4.04 13.20 5.55
C THR A 603 -3.12 14.37 5.31
N CYS A 604 -2.78 15.09 6.37
CA CYS A 604 -1.98 16.31 6.26
C CYS A 604 -0.53 16.11 6.64
N ASP A 605 0.32 17.03 6.17
CA ASP A 605 1.69 17.19 6.67
C ASP A 605 1.74 17.20 8.18
N LEU A 606 2.80 16.61 8.71
CA LEU A 606 3.06 16.70 10.13
C LEU A 606 3.14 18.16 10.65
N SER A 607 3.46 19.11 9.78
CA SER A 607 3.43 20.53 10.18
C SER A 607 2.01 21.04 10.51
N ASN A 608 0.98 20.35 10.01
CA ASN A 608 -0.40 20.70 10.35
C ASN A 608 -1.03 19.71 11.31
N TRP A 609 -0.20 18.84 11.89
CA TRP A 609 -0.66 18.01 12.97
C TRP A 609 -0.51 18.79 14.28
N HIS A 610 -1.13 18.29 15.34
CA HIS A 610 -0.89 18.83 16.66
C HIS A 610 0.51 18.44 17.08
N HIS A 611 1.24 19.43 17.58
CA HIS A 611 2.58 19.23 18.06
C HIS A 611 2.48 19.20 19.57
N CYS A 612 3.19 18.26 20.19
CA CYS A 612 3.04 18.03 21.61
C CYS A 612 4.37 17.62 22.27
N ALA A 613 4.91 18.52 23.10
CA ALA A 613 6.18 18.26 23.77
C ALA A 613 6.03 17.99 25.26
N ASP A 614 4.91 18.42 25.83
CA ASP A 614 4.46 18.01 27.16
C ASP A 614 3.24 17.10 26.97
N LYS A 615 3.02 16.15 27.87
CA LYS A 615 1.88 15.21 27.69
C LYS A 615 0.49 15.90 27.70
N ARG A 616 0.51 17.23 27.54
CA ARG A 616 -0.67 18.09 27.48
C ARG A 616 -1.41 17.95 26.15
N GLY A 617 -2.73 17.91 26.22
CA GLY A 617 -3.58 17.92 25.03
C GLY A 617 -3.59 16.67 24.16
N LEU A 618 -3.26 15.52 24.73
CA LEU A 618 -3.39 14.27 23.99
C LEU A 618 -4.82 13.75 24.04
N ARG A 619 -5.23 13.00 23.02
CA ARG A 619 -6.57 12.45 22.95
C ARG A 619 -6.55 10.94 23.09
N ASP A 620 -5.55 10.43 23.81
CA ASP A 620 -5.38 8.98 23.97
C ASP A 620 -4.78 8.66 25.33
N PRO A 621 -5.64 8.41 26.32
CA PRO A 621 -5.17 8.08 27.67
C PRO A 621 -4.14 6.95 27.76
N VAL A 622 -4.18 6.01 26.81
CA VAL A 622 -3.18 4.93 26.78
C VAL A 622 -1.79 5.51 26.49
N LEU A 623 -1.73 6.43 25.53
CA LEU A 623 -0.47 7.08 25.25
C LEU A 623 -0.02 7.97 26.41
N GLN A 624 -0.95 8.72 26.99
CA GLN A 624 -0.59 9.64 28.06
C GLN A 624 0.08 8.89 29.20
N ALA A 625 -0.57 7.82 29.66
CA ALA A 625 -0.05 6.99 30.73
C ALA A 625 1.32 6.41 30.37
N SER A 626 1.56 6.25 29.07
CA SER A 626 2.80 5.66 28.56
C SER A 626 3.95 6.66 28.44
N TRP A 627 3.65 7.96 28.54
CA TRP A 627 4.65 9.00 28.36
C TRP A 627 5.51 9.15 29.61
N ASP A 628 6.74 8.69 29.55
CA ASP A 628 7.72 9.03 30.59
C ASP A 628 9.02 9.55 29.96
N ALA A 629 10.16 9.18 30.53
CA ALA A 629 11.45 9.53 29.95
C ALA A 629 11.60 9.02 28.50
N ALA A 630 10.91 7.94 28.16
CA ALA A 630 11.02 7.31 26.84
C ALA A 630 10.48 8.14 25.66
N VAL A 631 9.48 8.97 25.88
CA VAL A 631 8.84 9.74 24.80
C VAL A 631 9.27 11.21 24.85
N SER A 632 9.74 11.74 23.72
CA SER A 632 10.19 13.12 23.67
C SER A 632 9.21 14.07 22.99
N PHE A 633 8.38 13.52 22.11
CA PHE A 633 7.52 14.35 21.29
C PHE A 633 6.46 13.51 20.61
N VAL A 634 5.28 14.08 20.43
CA VAL A 634 4.21 13.40 19.72
C VAL A 634 3.56 14.35 18.74
N PHE A 635 3.48 13.92 17.48
CA PHE A 635 2.62 14.53 16.47
C PHE A 635 1.31 13.75 16.54
N HIS A 636 0.18 14.44 16.54
CA HIS A 636 -1.10 13.72 16.50
C HIS A 636 -2.18 14.51 15.80
N GLN A 637 -3.18 13.80 15.32
CA GLN A 637 -4.23 14.39 14.54
C GLN A 637 -5.39 13.39 14.55
N ARG A 638 -6.56 13.80 14.04
CA ARG A 638 -7.69 12.87 13.99
C ARG A 638 -8.53 13.04 12.74
N SER A 639 -9.22 11.96 12.38
CA SER A 639 -10.03 11.89 11.18
C SER A 639 -11.14 12.93 11.15
N HIS A 640 -11.82 13.11 12.27
CA HIS A 640 -12.94 14.04 12.38
C HIS A 640 -13.36 14.09 13.84
N GLU A 641 -14.36 14.91 14.15
CA GLU A 641 -14.83 15.05 15.52
C GLU A 641 -15.98 14.09 15.82
N ASP A 642 -15.86 13.40 16.96
CA ASP A 642 -16.78 12.32 17.36
C ASP A 642 -18.26 12.73 17.35
N GLN A 643 -18.53 13.98 17.73
CA GLN A 643 -19.88 14.58 17.73
C GLN A 643 -20.78 14.08 16.59
N ARG A 644 -20.19 13.95 15.39
CA ARG A 644 -20.87 13.48 14.17
C ARG A 644 -22.13 14.30 13.83
ZN ZN B . 5.15 22.90 16.21
S SO4 C . -13.63 -1.81 3.13
O1 SO4 C . -14.74 -1.21 2.40
O2 SO4 C . -13.02 -0.80 3.98
O3 SO4 C . -12.67 -2.32 2.16
O4 SO4 C . -14.08 -2.93 3.97
S SO4 D . -7.01 -2.14 0.57
O1 SO4 D . -5.55 -2.17 0.41
O2 SO4 D . -7.46 -0.76 0.45
O3 SO4 D . -7.32 -2.69 1.87
O4 SO4 D . -7.68 -2.97 -0.44
S SO4 E . -25.80 5.10 -8.11
O1 SO4 E . -24.54 4.95 -7.38
O2 SO4 E . -25.68 6.15 -9.12
O3 SO4 E . -26.87 5.45 -7.17
O4 SO4 E . -26.16 3.84 -8.76
S SO4 F . -3.85 14.25 -3.10
O1 SO4 F . -2.39 14.30 -3.04
O2 SO4 F . -4.41 15.60 -3.18
O3 SO4 F . -4.35 13.61 -1.88
O4 SO4 F . -4.29 13.50 -4.27
S SO4 G . 7.31 -10.22 -6.39
O1 SO4 G . 8.02 -11.31 -5.70
O2 SO4 G . 8.25 -9.34 -7.08
O3 SO4 G . 6.58 -9.43 -5.41
O4 SO4 G . 6.41 -10.82 -7.38
S SO4 H . -23.33 2.85 8.58
O1 SO4 H . -21.88 2.81 8.45
O2 SO4 H . -23.85 4.03 7.89
O3 SO4 H . -23.69 2.90 10.00
O4 SO4 H . -23.87 1.62 7.98
S SO4 I . -1.35 19.56 3.84
O1 SO4 I . -0.29 20.08 2.98
O2 SO4 I . -2.52 20.43 3.78
O3 SO4 I . -0.88 19.51 5.21
O4 SO4 I . -1.72 18.22 3.40
S SO4 J . -24.06 3.30 -25.67
O1 SO4 J . -23.09 3.17 -24.59
O2 SO4 J . -23.50 4.19 -26.69
O3 SO4 J . -25.30 3.88 -25.17
O4 SO4 J . -24.38 1.99 -26.25
S SO4 K . -11.45 -9.83 -25.63
O1 SO4 K . -10.41 -8.81 -25.61
O2 SO4 K . -12.54 -9.41 -26.50
O3 SO4 K . -11.94 -10.04 -24.26
O4 SO4 K . -10.89 -11.09 -26.10
#